data_1IYD
#
_entry.id   1IYD
#
_cell.length_a   154.27
_cell.length_b   99.02
_cell.length_c   138.63
_cell.angle_alpha   90
_cell.angle_beta   90
_cell.angle_gamma   90
#
_symmetry.space_group_name_H-M   'C 2 2 21'
#
loop_
_entity.id
_entity.type
_entity.pdbx_description
1 polymer 'BRANCHED-CHAIN AMINO ACID AMINOTRANSFERASE'
2 non-polymer "PYRIDOXAL-5'-PHOSPHATE"
3 non-polymer 'GLUTARIC ACID'
4 water water
#
_entity_poly.entity_id   1
_entity_poly.type   'polypeptide(L)'
_entity_poly.pdbx_seq_one_letter_code
;MTTKKADYIWFNGEMVRWEDAKVHVMSHALHYGTSVFEGIRCYDSHKGPVVFRHREHMQRLHDSAKIYRFPVSQSIDELM
EACRDVIRKNNLTSAYIRPLIFVGDVGMGVNPPAGYSTDVIIAAFPWGAYLGAEALEQGIDAMVSSWNRAAPNTIPTAAK
AGGNYLSSLLVGSEARRHGYQEGIALDVNGYISEGAGENLFEVKDGVLFTPPFTSSALPGITRDAIIKLAKELGIEVREQ
VLSRESLYLADEVFMSGTAAEITPVRSVDGIQVGEGRCGPVTKRIQQAFFGLFTGETEDKWGWLDQVNQ
;
_entity_poly.pdbx_strand_id   A,B,C
#
loop_
_chem_comp.id
_chem_comp.type
_chem_comp.name
_chem_comp.formula
GUA non-polymer 'GLUTARIC ACID' 'C5 H8 O4'
PLP non-polymer PYRIDOXAL-5'-PHOSPHATE 'C8 H10 N O6 P'
#
# COMPACT_ATOMS: atom_id res chain seq x y z
N LYS A 5 -10.12 33.33 23.81
CA LYS A 5 -11.37 34.13 23.93
C LYS A 5 -11.32 35.45 23.14
N ALA A 6 -12.51 35.95 22.79
CA ALA A 6 -12.65 37.19 22.03
C ALA A 6 -14.00 37.78 22.40
N ASP A 7 -14.41 38.84 21.71
CA ASP A 7 -15.69 39.50 22.04
C ASP A 7 -16.98 38.92 21.45
N TYR A 8 -16.91 38.39 20.23
CA TYR A 8 -18.11 37.83 19.62
C TYR A 8 -17.89 36.49 18.94
N ILE A 9 -18.99 35.76 18.82
CA ILE A 9 -19.01 34.45 18.19
C ILE A 9 -20.18 34.42 17.22
N TRP A 10 -19.91 34.01 15.98
CA TRP A 10 -20.95 33.89 14.96
C TRP A 10 -21.74 32.65 15.36
N PHE A 11 -23.05 32.81 15.52
CA PHE A 11 -23.91 31.71 15.97
C PHE A 11 -25.18 31.72 15.15
N ASN A 12 -25.26 30.78 14.20
CA ASN A 12 -26.41 30.64 13.30
C ASN A 12 -26.78 31.92 12.55
N GLY A 13 -25.77 32.56 11.99
CA GLY A 13 -26.01 33.78 11.22
C GLY A 13 -26.02 35.09 11.98
N GLU A 14 -25.91 35.05 13.31
CA GLU A 14 -25.94 36.29 14.08
C GLU A 14 -24.73 36.43 15.00
N MET A 15 -24.12 37.62 15.03
CA MET A 15 -22.97 37.85 15.89
C MET A 15 -23.43 37.97 17.34
N VAL A 16 -23.07 37.00 18.17
CA VAL A 16 -23.46 36.98 19.59
C VAL A 16 -22.26 37.25 20.47
N ARG A 17 -22.42 37.99 21.57
CA ARG A 17 -21.26 38.22 22.42
C ARG A 17 -20.84 36.89 23.03
N TRP A 18 -19.53 36.68 23.06
CA TRP A 18 -18.94 35.44 23.56
C TRP A 18 -19.67 34.78 24.73
N GLU A 19 -19.79 35.48 25.84
CA GLU A 19 -20.45 34.91 27.03
C GLU A 19 -21.89 34.44 26.85
N ASP A 20 -22.59 34.99 25.87
CA ASP A 20 -23.98 34.57 25.67
C ASP A 20 -24.12 33.44 24.65
N ALA A 21 -23.01 32.95 24.11
CA ALA A 21 -23.05 31.87 23.13
C ALA A 21 -23.16 30.55 23.89
N LYS A 22 -24.39 30.17 24.23
CA LYS A 22 -24.63 28.95 25.00
C LYS A 22 -25.65 28.03 24.36
N VAL A 23 -25.66 26.76 24.79
CA VAL A 23 -26.62 25.78 24.27
C VAL A 23 -27.15 24.92 25.40
N HIS A 24 -28.30 24.28 25.15
CA HIS A 24 -28.91 23.44 26.16
C HIS A 24 -28.07 22.20 26.44
N VAL A 25 -27.98 21.83 27.72
CA VAL A 25 -27.21 20.67 28.14
C VAL A 25 -27.72 19.37 27.50
N MET A 26 -28.90 19.42 26.89
CA MET A 26 -29.46 18.24 26.24
C MET A 26 -29.20 18.28 24.74
N SER A 27 -28.23 19.10 24.33
CA SER A 27 -27.86 19.20 22.93
C SER A 27 -27.27 17.85 22.51
N HIS A 28 -27.74 17.34 21.38
CA HIS A 28 -27.29 16.04 20.88
C HIS A 28 -25.79 15.78 20.98
N ALA A 29 -25.01 16.70 20.42
CA ALA A 29 -23.55 16.59 20.41
C ALA A 29 -22.86 16.34 21.76
N LEU A 30 -23.44 16.86 22.84
CA LEU A 30 -22.83 16.64 24.16
C LEU A 30 -23.00 15.20 24.63
N HIS A 31 -24.02 14.52 24.09
CA HIS A 31 -24.28 13.14 24.47
C HIS A 31 -23.84 12.12 23.43
N TYR A 32 -23.70 12.53 22.18
CA TYR A 32 -23.35 11.57 21.14
C TYR A 32 -22.19 11.89 20.22
N GLY A 33 -21.38 12.87 20.59
CA GLY A 33 -20.23 13.25 19.76
C GLY A 33 -20.63 13.68 18.37
N THR A 34 -21.91 13.97 18.17
CA THR A 34 -22.42 14.36 16.87
C THR A 34 -22.15 15.79 16.37
N SER A 35 -20.90 16.04 16.02
CA SER A 35 -20.52 17.35 15.50
C SER A 35 -19.29 17.20 14.60
N VAL A 36 -19.11 18.14 13.70
CA VAL A 36 -17.94 18.16 12.83
C VAL A 36 -17.36 19.56 12.96
N PHE A 37 -16.03 19.66 12.95
CA PHE A 37 -15.41 20.97 13.11
C PHE A 37 -14.20 21.15 12.21
N GLU A 38 -13.69 22.38 12.20
CA GLU A 38 -12.51 22.73 11.42
C GLU A 38 -11.53 23.57 12.23
N GLY A 39 -10.30 23.62 11.73
CA GLY A 39 -9.26 24.41 12.37
C GLY A 39 -8.77 25.29 11.24
N ILE A 40 -8.84 26.60 11.42
CA ILE A 40 -8.39 27.52 10.36
C ILE A 40 -7.59 28.67 10.96
N ARG A 41 -6.51 29.04 10.31
CA ARG A 41 -5.71 30.16 10.81
C ARG A 41 -5.77 31.35 9.88
N CYS A 42 -5.81 32.53 10.47
CA CYS A 42 -5.79 33.78 9.73
C CYS A 42 -4.42 34.33 10.09
N TYR A 43 -3.65 34.74 9.09
CA TYR A 43 -2.31 35.26 9.34
C TYR A 43 -2.15 36.71 8.90
N ASP A 44 -1.16 37.37 9.47
CA ASP A 44 -0.85 38.72 9.05
C ASP A 44 0.06 38.51 7.86
N SER A 45 -0.10 39.31 6.82
CA SER A 45 0.75 39.13 5.65
C SER A 45 0.98 40.46 4.96
N HIS A 46 1.75 40.40 3.87
CA HIS A 46 2.04 41.59 3.08
C HIS A 46 0.76 42.02 2.38
N LYS A 47 -0.17 41.09 2.29
CA LYS A 47 -1.46 41.33 1.66
C LYS A 47 -2.48 41.73 2.72
N GLY A 48 -2.03 41.76 3.97
CA GLY A 48 -2.90 42.10 5.08
C GLY A 48 -3.35 40.82 5.75
N PRO A 49 -4.41 40.87 6.59
CA PRO A 49 -4.88 39.65 7.23
C PRO A 49 -5.40 38.64 6.20
N VAL A 50 -4.89 37.42 6.25
CA VAL A 50 -5.33 36.40 5.28
C VAL A 50 -5.63 35.06 5.94
N VAL A 51 -6.72 34.43 5.51
CA VAL A 51 -7.11 33.12 6.03
C VAL A 51 -6.45 32.08 5.12
N PHE A 52 -5.69 31.17 5.71
CA PHE A 52 -4.97 30.17 4.93
C PHE A 52 -5.86 29.02 4.46
N ARG A 53 -5.87 28.80 3.14
CA ARG A 53 -6.66 27.74 2.50
C ARG A 53 -8.06 27.71 3.10
N HIS A 54 -8.69 28.88 3.06
CA HIS A 54 -10.02 29.09 3.61
C HIS A 54 -11.09 28.20 2.98
N ARG A 55 -11.23 28.26 1.65
CA ARG A 55 -12.23 27.46 0.97
C ARG A 55 -12.07 25.95 1.20
N GLU A 56 -10.82 25.47 1.21
CA GLU A 56 -10.54 24.06 1.43
C GLU A 56 -11.05 23.57 2.79
N HIS A 57 -10.97 24.43 3.80
CA HIS A 57 -11.44 24.04 5.13
C HIS A 57 -12.96 23.97 5.19
N MET A 58 -13.63 24.98 4.63
CA MET A 58 -15.09 24.96 4.64
C MET A 58 -15.61 23.80 3.80
N GLN A 59 -14.88 23.45 2.73
CA GLN A 59 -15.31 22.35 1.88
C GLN A 59 -15.22 21.07 2.71
N ARG A 60 -14.17 20.96 3.52
CA ARG A 60 -14.02 19.76 4.33
C ARG A 60 -15.06 19.70 5.44
N LEU A 61 -15.48 20.87 5.94
CA LEU A 61 -16.49 20.95 6.99
C LEU A 61 -17.73 20.30 6.39
N HIS A 62 -18.05 20.72 5.17
CA HIS A 62 -19.21 20.17 4.47
C HIS A 62 -19.05 18.67 4.22
N ASP A 63 -17.83 18.25 3.84
CA ASP A 63 -17.58 16.85 3.56
C ASP A 63 -17.77 16.00 4.82
N SER A 64 -17.32 16.50 5.95
CA SER A 64 -17.47 15.79 7.22
C SER A 64 -18.94 15.63 7.54
N ALA A 65 -19.69 16.72 7.34
CA ALA A 65 -21.12 16.69 7.60
C ALA A 65 -21.80 15.71 6.63
N LYS A 66 -21.46 15.79 5.34
CA LYS A 66 -22.06 14.91 4.34
C LYS A 66 -21.88 13.44 4.70
N ILE A 67 -20.69 13.09 5.18
CA ILE A 67 -20.40 11.70 5.55
C ILE A 67 -21.34 11.20 6.65
N TYR A 68 -21.68 12.08 7.60
CA TYR A 68 -22.60 11.68 8.68
C TYR A 68 -24.02 12.10 8.37
N ARG A 69 -24.22 12.67 7.18
CA ARG A 69 -25.52 13.11 6.73
C ARG A 69 -26.15 14.20 7.60
N PHE A 70 -25.31 15.04 8.20
CA PHE A 70 -25.79 16.14 9.03
C PHE A 70 -26.22 17.26 8.07
N PRO A 71 -27.50 17.66 8.11
CA PRO A 71 -27.94 18.74 7.21
C PRO A 71 -27.23 20.06 7.52
N VAL A 72 -26.70 20.69 6.49
CA VAL A 72 -25.99 21.97 6.61
C VAL A 72 -26.74 22.99 5.76
N SER A 73 -27.24 24.06 6.39
CA SER A 73 -27.99 25.07 5.64
C SER A 73 -27.11 26.14 5.00
N GLN A 74 -25.94 26.40 5.58
CA GLN A 74 -25.04 27.41 5.03
C GLN A 74 -24.23 26.86 3.85
N SER A 75 -24.05 27.68 2.82
CA SER A 75 -23.26 27.27 1.67
C SER A 75 -21.81 27.58 2.05
N ILE A 76 -20.86 27.09 1.26
CA ILE A 76 -19.46 27.32 1.56
C ILE A 76 -19.13 28.81 1.55
N ASP A 77 -19.66 29.55 0.58
CA ASP A 77 -19.41 30.98 0.48
C ASP A 77 -19.98 31.76 1.65
N GLU A 78 -21.11 31.29 2.20
CA GLU A 78 -21.72 31.95 3.34
C GLU A 78 -20.85 31.71 4.56
N LEU A 79 -20.40 30.47 4.74
CA LEU A 79 -19.55 30.13 5.86
C LEU A 79 -18.25 30.94 5.80
N MET A 80 -17.73 31.14 4.59
CA MET A 80 -16.50 31.89 4.42
C MET A 80 -16.69 33.35 4.81
N GLU A 81 -17.74 33.97 4.29
CA GLU A 81 -18.04 35.36 4.59
C GLU A 81 -18.24 35.47 6.10
N ALA A 82 -19.04 34.55 6.66
CA ALA A 82 -19.29 34.55 8.10
C ALA A 82 -17.98 34.52 8.86
N CYS A 83 -17.06 33.67 8.39
CA CYS A 83 -15.76 33.54 9.02
C CYS A 83 -14.97 34.85 8.93
N ARG A 84 -14.96 35.47 7.76
CA ARG A 84 -14.24 36.73 7.61
C ARG A 84 -14.91 37.80 8.48
N ASP A 85 -16.24 37.73 8.57
CA ASP A 85 -16.99 38.69 9.36
C ASP A 85 -16.73 38.61 10.86
N VAL A 86 -16.41 37.42 11.37
CA VAL A 86 -16.14 37.29 12.80
C VAL A 86 -14.71 37.69 13.10
N ILE A 87 -13.85 37.62 12.09
CA ILE A 87 -12.44 38.00 12.24
C ILE A 87 -12.36 39.53 12.38
N ARG A 88 -13.15 40.22 11.56
CA ARG A 88 -13.16 41.67 11.60
C ARG A 88 -13.98 42.19 12.79
N LYS A 89 -15.20 41.66 12.93
CA LYS A 89 -16.08 42.07 14.03
C LYS A 89 -15.39 41.91 15.37
N ASN A 90 -14.28 41.19 15.39
CA ASN A 90 -13.52 41.00 16.62
C ASN A 90 -12.18 41.71 16.57
N ASN A 91 -11.95 42.42 15.46
CA ASN A 91 -10.73 43.20 15.26
C ASN A 91 -9.43 42.42 15.32
N LEU A 92 -9.43 41.23 14.73
CA LEU A 92 -8.24 40.40 14.72
C LEU A 92 -7.60 40.46 13.34
N THR A 93 -6.27 40.36 13.29
CA THR A 93 -5.57 40.38 12.02
C THR A 93 -4.88 39.03 11.91
N SER A 94 -4.67 38.38 13.04
CA SER A 94 -4.06 37.05 13.08
C SER A 94 -4.90 36.26 14.08
N ALA A 95 -5.15 34.98 13.79
CA ALA A 95 -5.97 34.19 14.70
C ALA A 95 -6.22 32.76 14.26
N TYR A 96 -6.85 32.03 15.17
CA TYR A 96 -7.24 30.64 14.94
C TYR A 96 -8.77 30.73 14.89
N ILE A 97 -9.35 30.06 13.91
CA ILE A 97 -10.81 30.06 13.76
C ILE A 97 -11.33 28.66 13.98
N ARG A 98 -12.42 28.55 14.74
CA ARG A 98 -13.01 27.25 15.01
C ARG A 98 -14.47 27.17 14.58
N PRO A 99 -14.73 26.66 13.37
CA PRO A 99 -16.11 26.53 12.91
C PRO A 99 -16.59 25.25 13.57
N LEU A 100 -17.88 25.15 13.87
CA LEU A 100 -18.42 23.98 14.52
C LEU A 100 -19.85 23.77 14.05
N ILE A 101 -20.14 22.59 13.55
CA ILE A 101 -21.47 22.26 13.09
C ILE A 101 -21.88 21.13 14.01
N PHE A 102 -22.96 21.32 14.77
CA PHE A 102 -23.39 20.29 15.69
C PHE A 102 -24.90 20.08 15.73
N VAL A 103 -25.29 18.86 16.08
CA VAL A 103 -26.70 18.54 16.21
C VAL A 103 -27.03 19.11 17.59
N GLY A 104 -28.04 19.97 17.66
CA GLY A 104 -28.39 20.59 18.92
C GLY A 104 -29.50 19.93 19.74
N ASP A 105 -30.32 20.76 20.36
CA ASP A 105 -31.42 20.32 21.20
C ASP A 105 -32.55 19.77 20.32
N VAL A 106 -32.51 18.47 20.02
CA VAL A 106 -33.50 17.85 19.16
C VAL A 106 -34.11 16.58 19.73
N GLY A 107 -33.79 16.23 20.98
CA GLY A 107 -34.33 15.01 21.54
C GLY A 107 -33.19 14.04 21.84
N MET A 108 -33.42 13.11 22.77
CA MET A 108 -32.39 12.16 23.18
C MET A 108 -32.03 10.91 22.37
N GLY A 109 -32.82 10.49 21.41
CA GLY A 109 -32.39 9.29 20.67
C GLY A 109 -31.14 9.58 19.83
N VAL A 110 -30.22 8.61 19.70
CA VAL A 110 -29.01 8.85 18.90
C VAL A 110 -29.33 9.20 17.45
N ASN A 111 -30.43 8.66 16.94
CA ASN A 111 -30.84 8.99 15.57
C ASN A 111 -31.70 10.25 15.69
N PRO A 112 -31.20 11.39 15.19
CA PRO A 112 -31.96 12.63 15.26
C PRO A 112 -33.30 12.54 14.57
N PRO A 113 -34.30 13.28 15.07
CA PRO A 113 -35.64 13.24 14.46
C PRO A 113 -35.62 13.79 13.03
N ALA A 114 -36.36 13.14 12.15
CA ALA A 114 -36.44 13.56 10.75
C ALA A 114 -36.74 15.04 10.62
N GLY A 115 -36.09 15.69 9.66
CA GLY A 115 -36.29 17.10 9.42
C GLY A 115 -35.51 18.05 10.31
N TYR A 116 -34.68 17.52 11.21
CA TYR A 116 -33.92 18.38 12.11
C TYR A 116 -32.93 19.25 11.37
N SER A 117 -32.41 20.25 12.07
CA SER A 117 -31.42 21.18 11.56
C SER A 117 -30.24 21.16 12.51
N THR A 118 -29.06 21.50 12.00
CA THR A 118 -27.87 21.52 12.83
C THR A 118 -27.61 22.97 13.23
N ASP A 119 -26.87 23.13 14.31
CA ASP A 119 -26.50 24.46 14.80
C ASP A 119 -25.08 24.70 14.30
N VAL A 120 -24.73 25.95 14.00
CA VAL A 120 -23.39 26.25 13.52
C VAL A 120 -22.81 27.44 14.28
N ILE A 121 -21.56 27.29 14.69
CA ILE A 121 -20.84 28.32 15.42
C ILE A 121 -19.48 28.53 14.75
N ILE A 122 -18.93 29.74 14.89
CA ILE A 122 -17.61 30.07 14.33
C ILE A 122 -16.94 31.08 15.27
N ALA A 123 -15.91 30.64 15.98
CA ALA A 123 -15.20 31.51 16.91
C ALA A 123 -13.75 31.68 16.48
N ALA A 124 -13.29 32.92 16.55
CA ALA A 124 -11.92 33.27 16.19
C ALA A 124 -11.28 33.87 17.43
N PHE A 125 -10.00 33.59 17.62
CA PHE A 125 -9.29 34.10 18.79
C PHE A 125 -7.81 33.78 18.61
N PRO A 126 -6.93 34.61 19.17
CA PRO A 126 -5.50 34.31 19.04
C PRO A 126 -5.21 32.98 19.71
N TRP A 127 -4.26 32.22 19.17
CA TRP A 127 -3.90 30.93 19.78
C TRP A 127 -2.42 30.68 19.48
N GLY A 128 -1.63 30.47 20.54
CA GLY A 128 -0.21 30.23 20.37
C GLY A 128 0.12 28.91 19.68
N ALA A 129 1.41 28.66 19.42
CA ALA A 129 1.82 27.43 18.77
C ALA A 129 1.23 26.25 19.54
N TYR A 130 0.57 25.36 18.82
CA TYR A 130 -0.08 24.22 19.44
C TYR A 130 0.79 23.39 20.39
N LEU A 131 2.02 23.12 20.00
CA LEU A 131 2.91 22.30 20.83
C LEU A 131 3.97 23.04 21.66
N GLY A 132 3.78 24.34 21.87
CA GLY A 132 4.74 25.09 22.67
C GLY A 132 5.31 26.31 21.98
N ALA A 133 5.79 27.24 22.80
CA ALA A 133 6.36 28.47 22.29
C ALA A 133 7.74 28.23 21.66
N GLU A 134 8.33 27.08 21.97
CA GLU A 134 9.66 26.75 21.45
C GLU A 134 9.58 25.67 20.39
N ALA A 135 8.38 25.15 20.20
CA ALA A 135 8.12 24.08 19.25
C ALA A 135 8.62 24.31 17.83
N LEU A 136 8.06 25.31 17.15
CA LEU A 136 8.42 25.59 15.77
C LEU A 136 9.91 25.75 15.47
N GLU A 137 10.67 26.26 16.44
CA GLU A 137 12.11 26.46 16.23
C GLU A 137 12.99 25.35 16.79
N GLN A 138 12.66 24.84 17.97
CA GLN A 138 13.48 23.80 18.58
C GLN A 138 13.07 22.36 18.30
N GLY A 139 11.79 22.15 18.00
CA GLY A 139 11.32 20.80 17.74
C GLY A 139 10.83 20.20 19.05
N ILE A 140 10.16 19.06 18.99
CA ILE A 140 9.67 18.48 20.23
C ILE A 140 10.04 17.00 20.39
N ASP A 141 9.76 16.47 21.57
CA ASP A 141 10.05 15.08 21.86
C ASP A 141 8.73 14.36 21.79
N ALA A 142 8.64 13.36 20.92
CA ALA A 142 7.39 12.63 20.76
C ALA A 142 7.44 11.23 21.37
N MET A 143 6.27 10.64 21.53
CA MET A 143 6.16 9.29 22.09
C MET A 143 5.11 8.51 21.30
N VAL A 144 5.45 7.28 20.91
CA VAL A 144 4.52 6.42 20.19
C VAL A 144 3.55 5.93 21.26
N SER A 145 2.27 6.26 21.08
CA SER A 145 1.23 5.88 22.04
C SER A 145 0.95 4.39 22.14
N SER A 146 0.35 4.00 23.26
CA SER A 146 -0.02 2.61 23.51
C SER A 146 -1.47 2.44 23.06
N TRP A 147 -2.07 3.54 22.59
CA TRP A 147 -3.44 3.51 22.08
C TRP A 147 -3.38 3.67 20.56
N ASN A 148 -4.14 2.84 19.85
CA ASN A 148 -4.14 2.87 18.39
C ASN A 148 -5.26 3.73 17.80
N ARG A 149 -5.04 4.20 16.58
CA ARG A 149 -6.03 5.01 15.87
C ARG A 149 -7.21 4.13 15.42
N ALA A 150 -8.36 4.76 15.18
CA ALA A 150 -9.55 4.05 14.77
C ALA A 150 -9.35 3.17 13.55
N ALA A 151 -9.92 1.97 13.58
CA ALA A 151 -9.81 1.01 12.49
C ALA A 151 -10.64 1.46 11.28
N PRO A 152 -10.26 1.01 10.08
CA PRO A 152 -11.02 1.41 8.89
C PRO A 152 -12.46 0.91 9.00
N ASN A 153 -13.38 1.69 8.45
CA ASN A 153 -14.80 1.37 8.44
C ASN A 153 -15.48 1.27 9.81
N THR A 154 -14.96 2.00 10.80
CA THR A 154 -15.58 2.02 12.13
C THR A 154 -16.08 3.46 12.26
N ILE A 155 -15.16 4.38 12.54
CA ILE A 155 -15.50 5.80 12.61
C ILE A 155 -14.58 6.41 11.55
N PRO A 156 -15.15 6.84 10.41
CA PRO A 156 -14.42 7.44 9.27
C PRO A 156 -13.40 8.50 9.69
N THR A 157 -12.12 8.17 9.57
CA THR A 157 -11.07 9.10 9.96
C THR A 157 -10.87 10.23 8.92
N ALA A 158 -11.55 10.12 7.79
CA ALA A 158 -11.45 11.15 6.75
C ALA A 158 -12.34 12.33 7.13
N ALA A 159 -13.24 12.11 8.09
CA ALA A 159 -14.15 13.17 8.54
C ALA A 159 -13.58 13.74 9.85
N LYS A 160 -13.55 15.07 9.94
CA LYS A 160 -13.03 15.72 11.15
C LYS A 160 -14.24 15.98 12.06
N ALA A 161 -14.57 14.98 12.88
CA ALA A 161 -15.72 15.09 13.78
C ALA A 161 -15.34 15.07 15.26
N GLY A 162 -16.15 15.73 16.08
CA GLY A 162 -15.90 15.79 17.50
C GLY A 162 -15.71 14.43 18.15
N GLY A 163 -16.68 13.55 17.95
CA GLY A 163 -16.61 12.22 18.54
C GLY A 163 -15.28 11.52 18.33
N ASN A 164 -14.60 11.77 17.21
CA ASN A 164 -13.30 11.13 16.94
C ASN A 164 -12.26 11.46 18.01
N TYR A 165 -12.32 12.68 18.52
CA TYR A 165 -11.31 13.11 19.48
C TYR A 165 -11.10 12.45 20.82
N LEU A 166 -11.93 11.47 21.17
CA LEU A 166 -11.71 10.75 22.42
C LEU A 166 -10.40 10.02 22.18
N SER A 167 -10.20 9.55 20.96
CA SER A 167 -8.97 8.86 20.59
C SER A 167 -7.77 9.80 20.68
N SER A 168 -7.90 10.99 20.10
CA SER A 168 -6.80 11.94 20.16
C SER A 168 -6.51 12.28 21.63
N LEU A 169 -7.54 12.26 22.47
CA LEU A 169 -7.33 12.54 23.89
C LEU A 169 -6.52 11.45 24.57
N LEU A 170 -6.83 10.19 24.25
CA LEU A 170 -6.09 9.08 24.86
C LEU A 170 -4.62 9.07 24.42
N VAL A 171 -4.40 9.24 23.12
CA VAL A 171 -3.06 9.23 22.57
C VAL A 171 -2.23 10.42 23.07
N GLY A 172 -2.79 11.62 22.95
CA GLY A 172 -2.09 12.82 23.38
C GLY A 172 -1.87 12.94 24.89
N SER A 173 -2.89 12.66 25.67
CA SER A 173 -2.77 12.76 27.12
C SER A 173 -1.72 11.79 27.64
N GLU A 174 -1.60 10.63 27.01
CA GLU A 174 -0.61 9.65 27.45
C GLU A 174 0.83 10.17 27.31
N ALA A 175 1.13 10.74 26.14
CA ALA A 175 2.47 11.26 25.89
C ALA A 175 2.83 12.33 26.90
N ARG A 176 1.88 13.23 27.18
CA ARG A 176 2.12 14.30 28.13
C ARG A 176 2.34 13.77 29.53
N ARG A 177 1.49 12.83 29.97
CA ARG A 177 1.64 12.24 31.30
C ARG A 177 3.02 11.62 31.45
N HIS A 178 3.59 11.18 30.34
CA HIS A 178 4.90 10.57 30.39
C HIS A 178 6.01 11.55 30.07
N GLY A 179 5.67 12.84 30.10
CA GLY A 179 6.65 13.89 29.86
C GLY A 179 7.00 14.28 28.45
N TYR A 180 6.19 13.91 27.46
CA TYR A 180 6.45 14.26 26.07
C TYR A 180 5.50 15.36 25.61
N GLN A 181 5.82 16.05 24.52
CA GLN A 181 4.95 17.11 24.01
C GLN A 181 3.77 16.63 23.17
N GLU A 182 3.94 15.50 22.50
CA GLU A 182 2.85 14.94 21.69
C GLU A 182 2.98 13.43 21.53
N GLY A 183 1.86 12.80 21.22
CA GLY A 183 1.86 11.37 21.04
C GLY A 183 1.63 11.00 19.58
N ILE A 184 2.30 9.93 19.15
CA ILE A 184 2.18 9.46 17.77
C ILE A 184 1.45 8.13 17.83
N ALA A 185 0.34 8.04 17.12
CA ALA A 185 -0.43 6.81 17.12
C ALA A 185 -0.19 5.91 15.90
N LEU A 186 -0.21 4.61 16.15
CA LEU A 186 -0.07 3.61 15.12
C LEU A 186 -1.50 3.17 14.80
N ASP A 187 -1.75 2.67 13.58
CA ASP A 187 -3.08 2.20 13.25
C ASP A 187 -3.20 0.76 13.74
N VAL A 188 -4.37 0.15 13.57
CA VAL A 188 -4.57 -1.22 14.02
C VAL A 188 -3.66 -2.24 13.32
N ASN A 189 -2.90 -1.79 12.34
CA ASN A 189 -2.00 -2.70 11.62
C ASN A 189 -0.59 -2.66 12.18
N GLY A 190 -0.30 -1.66 13.00
CA GLY A 190 1.03 -1.54 13.58
C GLY A 190 1.91 -0.62 12.77
N TYR A 191 1.29 0.17 11.89
CA TYR A 191 2.02 1.13 11.08
C TYR A 191 1.74 2.53 11.60
N ILE A 192 2.58 3.49 11.21
CA ILE A 192 2.42 4.87 11.64
C ILE A 192 1.16 5.47 11.02
N SER A 193 0.35 6.10 11.86
CA SER A 193 -0.87 6.75 11.41
C SER A 193 -0.61 8.25 11.39
N GLU A 194 -0.52 8.83 12.58
CA GLU A 194 -0.26 10.26 12.73
C GLU A 194 -0.17 10.62 14.21
N GLY A 195 0.03 11.91 14.48
CA GLY A 195 0.09 12.37 15.85
C GLY A 195 -1.35 12.53 16.30
N ALA A 196 -1.55 12.75 17.60
CA ALA A 196 -2.89 12.90 18.14
C ALA A 196 -3.73 13.94 17.40
N GLY A 197 -3.08 15.00 16.91
CA GLY A 197 -3.81 16.03 16.19
C GLY A 197 -2.99 16.69 15.11
N GLU A 198 -2.08 15.91 14.53
CA GLU A 198 -1.21 16.40 13.47
C GLU A 198 -0.70 15.25 12.61
N ASN A 199 -0.57 15.50 11.31
CA ASN A 199 -0.06 14.47 10.42
C ASN A 199 1.42 14.33 10.68
N LEU A 200 1.99 13.20 10.26
CA LEU A 200 3.41 12.91 10.48
C LEU A 200 4.19 12.81 9.17
N PHE A 201 5.36 13.46 9.17
CA PHE A 201 6.26 13.45 8.02
C PHE A 201 7.64 12.94 8.45
N GLU A 202 8.30 12.23 7.54
CA GLU A 202 9.64 11.71 7.76
C GLU A 202 10.51 12.10 6.58
N VAL A 203 11.80 12.30 6.83
CA VAL A 203 12.73 12.64 5.77
C VAL A 203 13.88 11.65 5.86
N LYS A 204 14.18 10.98 4.74
CA LYS A 204 15.27 10.01 4.68
C LYS A 204 15.97 10.13 3.33
N ASP A 205 17.25 10.45 3.36
CA ASP A 205 18.02 10.60 2.14
C ASP A 205 17.45 11.67 1.23
N GLY A 206 16.95 12.75 1.83
CA GLY A 206 16.41 13.84 1.04
C GLY A 206 15.03 13.65 0.45
N VAL A 207 14.38 12.53 0.74
CA VAL A 207 13.04 12.28 0.23
C VAL A 207 12.07 12.44 1.39
N LEU A 208 10.92 13.06 1.11
CA LEU A 208 9.88 13.28 2.11
C LEU A 208 8.86 12.14 2.08
N PHE A 209 8.57 11.57 3.24
CA PHE A 209 7.62 10.47 3.35
C PHE A 209 6.44 10.82 4.26
N THR A 210 5.25 10.32 3.95
CA THR A 210 4.10 10.54 4.79
C THR A 210 3.06 9.46 4.54
N PRO A 211 2.41 8.94 5.60
CA PRO A 211 1.40 7.89 5.47
C PRO A 211 0.18 8.30 4.65
N PRO A 212 -0.38 7.37 3.87
CA PRO A 212 -1.57 7.68 3.06
C PRO A 212 -2.75 7.73 4.02
N PHE A 213 -3.88 8.29 3.59
CA PHE A 213 -5.08 8.38 4.45
C PHE A 213 -5.54 7.02 4.95
N THR A 214 -5.34 5.98 4.16
CA THR A 214 -5.76 4.63 4.54
C THR A 214 -4.98 4.10 5.75
N SER A 215 -4.02 4.89 6.22
CA SER A 215 -3.26 4.51 7.41
C SER A 215 -4.03 5.15 8.55
N SER A 216 -5.32 5.36 8.31
CA SER A 216 -6.20 5.93 9.30
C SER A 216 -5.81 7.36 9.69
N ALA A 217 -5.18 8.07 8.76
CA ALA A 217 -4.74 9.45 9.00
C ALA A 217 -5.69 10.42 8.33
N LEU A 218 -6.00 11.52 9.02
CA LEU A 218 -6.87 12.53 8.46
C LEU A 218 -6.18 13.25 7.31
N PRO A 219 -6.91 13.52 6.22
CA PRO A 219 -6.38 14.21 5.05
C PRO A 219 -6.03 15.65 5.42
N GLY A 220 -4.92 15.83 6.13
CA GLY A 220 -4.52 17.15 6.55
C GLY A 220 -4.39 18.17 5.43
N ILE A 221 -4.95 19.35 5.65
CA ILE A 221 -4.89 20.40 4.66
C ILE A 221 -3.48 21.00 4.71
N THR A 222 -2.90 21.06 5.91
CA THR A 222 -1.54 21.57 6.07
C THR A 222 -0.63 20.55 5.40
N ARG A 223 -0.98 19.28 5.58
CA ARG A 223 -0.26 18.15 5.01
C ARG A 223 -0.26 18.28 3.50
N ASP A 224 -1.42 18.58 2.94
CA ASP A 224 -1.54 18.73 1.50
C ASP A 224 -0.70 19.91 1.00
N ALA A 225 -0.72 21.00 1.74
CA ALA A 225 0.05 22.18 1.38
C ALA A 225 1.55 21.86 1.32
N ILE A 226 2.02 21.13 2.33
CA ILE A 226 3.43 20.76 2.43
C ILE A 226 3.88 19.88 1.25
N ILE A 227 3.04 18.95 0.84
CA ILE A 227 3.38 18.07 -0.28
C ILE A 227 3.57 18.88 -1.55
N LYS A 228 2.61 19.75 -1.86
CA LYS A 228 2.70 20.60 -3.04
C LYS A 228 3.89 21.55 -2.95
N LEU A 229 4.15 22.06 -1.74
CA LEU A 229 5.28 22.96 -1.55
C LEU A 229 6.58 22.21 -1.80
N ALA A 230 6.67 20.99 -1.27
CA ALA A 230 7.87 20.18 -1.43
C ALA A 230 8.14 19.92 -2.91
N LYS A 231 7.08 19.61 -3.66
CA LYS A 231 7.23 19.35 -5.08
C LYS A 231 7.80 20.59 -5.76
N GLU A 232 7.32 21.76 -5.35
CA GLU A 232 7.81 23.00 -5.91
C GLU A 232 9.30 23.18 -5.57
N LEU A 233 9.69 22.76 -4.37
CA LEU A 233 11.08 22.88 -3.93
C LEU A 233 12.00 21.82 -4.52
N GLY A 234 11.47 20.99 -5.40
CA GLY A 234 12.25 19.94 -6.02
C GLY A 234 12.42 18.70 -5.16
N ILE A 235 11.72 18.65 -4.03
CA ILE A 235 11.82 17.51 -3.13
C ILE A 235 10.86 16.38 -3.49
N GLU A 236 11.41 15.18 -3.65
CA GLU A 236 10.59 14.02 -3.98
C GLU A 236 9.71 13.66 -2.80
N VAL A 237 8.45 13.35 -3.08
CA VAL A 237 7.50 12.97 -2.03
C VAL A 237 6.92 11.59 -2.31
N ARG A 238 6.83 10.78 -1.26
CA ARG A 238 6.28 9.44 -1.36
C ARG A 238 5.21 9.21 -0.30
N GLU A 239 3.98 9.00 -0.75
CA GLU A 239 2.89 8.73 0.19
C GLU A 239 2.83 7.22 0.30
N GLN A 240 3.31 6.70 1.43
CA GLN A 240 3.35 5.26 1.66
C GLN A 240 3.32 4.86 3.13
N VAL A 241 2.92 3.62 3.39
CA VAL A 241 2.88 3.12 4.77
C VAL A 241 4.28 3.16 5.35
N LEU A 242 4.37 3.53 6.62
CA LEU A 242 5.64 3.62 7.33
C LEU A 242 5.66 2.75 8.58
N SER A 243 6.73 2.01 8.75
CA SER A 243 6.85 1.14 9.92
C SER A 243 7.06 1.98 11.17
N ARG A 244 6.77 1.39 12.32
CA ARG A 244 6.94 2.10 13.58
C ARG A 244 8.42 2.46 13.75
N GLU A 245 9.30 1.48 13.57
CA GLU A 245 10.74 1.70 13.75
C GLU A 245 11.39 2.69 12.77
N SER A 246 10.71 3.02 11.68
CA SER A 246 11.27 3.96 10.71
C SER A 246 11.47 5.31 11.38
N LEU A 247 10.73 5.54 12.46
CA LEU A 247 10.83 6.80 13.19
C LEU A 247 12.22 6.94 13.80
N TYR A 248 12.85 5.81 14.10
CA TYR A 248 14.18 5.80 14.69
C TYR A 248 15.28 5.86 13.62
N LEU A 249 14.90 5.61 12.36
CA LEU A 249 15.89 5.62 11.27
C LEU A 249 15.81 6.84 10.33
N ALA A 250 14.79 7.65 10.49
CA ALA A 250 14.65 8.81 9.61
C ALA A 250 15.69 9.89 9.91
N ASP A 251 16.09 10.64 8.89
CA ASP A 251 17.06 11.72 9.08
C ASP A 251 16.36 12.83 9.84
N GLU A 252 15.12 13.10 9.43
CA GLU A 252 14.30 14.13 10.03
C GLU A 252 12.88 13.59 10.24
N VAL A 253 12.11 14.30 11.06
CA VAL A 253 10.73 13.96 11.35
C VAL A 253 10.04 15.22 11.84
N PHE A 254 8.79 15.43 11.42
CA PHE A 254 8.03 16.60 11.85
C PHE A 254 6.53 16.39 11.68
N MET A 255 5.75 17.25 12.32
CA MET A 255 4.31 17.16 12.27
C MET A 255 3.71 18.40 11.60
N SER A 256 2.52 18.22 11.04
CA SER A 256 1.82 19.31 10.37
C SER A 256 0.41 19.39 10.92
N GLY A 257 -0.13 20.60 10.91
CA GLY A 257 -1.47 20.83 11.42
C GLY A 257 -1.77 22.32 11.31
N THR A 258 -3.05 22.67 11.28
CA THR A 258 -3.40 24.08 11.21
C THR A 258 -2.90 24.76 12.48
N ALA A 259 -3.13 24.10 13.62
CA ALA A 259 -2.72 24.63 14.92
C ALA A 259 -1.22 24.53 15.16
N ALA A 260 -0.66 23.35 14.90
CA ALA A 260 0.77 23.08 15.10
C ALA A 260 1.64 23.52 13.92
N GLU A 261 1.01 24.00 12.86
CA GLU A 261 1.73 24.41 11.66
C GLU A 261 2.76 23.34 11.26
N ILE A 262 4.04 23.67 11.33
CA ILE A 262 5.09 22.71 10.98
C ILE A 262 6.02 22.62 12.18
N THR A 263 5.89 21.54 12.94
CA THR A 263 6.69 21.35 14.15
C THR A 263 7.73 20.24 14.07
N PRO A 264 9.02 20.60 14.10
CA PRO A 264 10.06 19.57 14.03
C PRO A 264 9.95 18.65 15.23
N VAL A 265 10.27 17.38 15.02
CA VAL A 265 10.26 16.38 16.10
C VAL A 265 11.71 15.98 16.23
N ARG A 266 12.34 16.41 17.32
CA ARG A 266 13.75 16.14 17.54
C ARG A 266 14.03 14.76 18.11
N SER A 267 13.01 14.11 18.66
CA SER A 267 13.19 12.78 19.21
C SER A 267 11.88 12.02 19.32
N VAL A 268 11.99 10.69 19.32
CA VAL A 268 10.84 9.82 19.44
C VAL A 268 11.19 8.70 20.42
N ASP A 269 10.40 8.59 21.48
CA ASP A 269 10.63 7.58 22.51
C ASP A 269 12.03 7.66 23.11
N GLY A 270 12.53 8.89 23.26
CA GLY A 270 13.85 9.08 23.84
C GLY A 270 14.99 8.94 22.85
N ILE A 271 14.68 8.50 21.63
CA ILE A 271 15.71 8.34 20.61
C ILE A 271 15.84 9.58 19.75
N GLN A 272 17.04 10.18 19.77
CA GLN A 272 17.29 11.40 19.00
C GLN A 272 17.16 11.20 17.51
N VAL A 273 16.50 12.16 16.86
CA VAL A 273 16.30 12.11 15.41
C VAL A 273 17.36 13.01 14.78
N GLY A 274 18.23 12.44 13.98
CA GLY A 274 19.27 13.24 13.35
C GLY A 274 20.16 13.93 14.38
N GLU A 275 20.36 15.24 14.20
CA GLU A 275 21.20 16.04 15.09
C GLU A 275 20.47 16.54 16.33
N GLY A 276 19.15 16.36 16.37
CA GLY A 276 18.37 16.78 17.52
C GLY A 276 17.82 18.19 17.44
N ARG A 277 17.94 18.81 16.28
CA ARG A 277 17.43 20.17 16.07
C ARG A 277 16.52 20.06 14.86
N CYS A 278 16.13 21.20 14.30
CA CYS A 278 15.30 21.20 13.12
C CYS A 278 16.23 20.69 12.02
N GLY A 279 15.72 19.78 11.18
CA GLY A 279 16.53 19.22 10.11
C GLY A 279 16.59 20.15 8.91
N PRO A 280 17.56 19.96 7.99
CA PRO A 280 17.67 20.82 6.82
C PRO A 280 16.46 20.85 5.90
N VAL A 281 15.91 19.69 5.58
CA VAL A 281 14.74 19.64 4.71
C VAL A 281 13.51 20.26 5.38
N THR A 282 13.36 20.00 6.68
CA THR A 282 12.23 20.55 7.42
C THR A 282 12.32 22.07 7.36
N LYS A 283 13.53 22.59 7.58
CA LYS A 283 13.74 24.03 7.52
C LYS A 283 13.30 24.61 6.20
N ARG A 284 13.73 23.99 5.10
CA ARG A 284 13.35 24.48 3.78
C ARG A 284 11.83 24.57 3.68
N ILE A 285 11.14 23.48 4.01
CA ILE A 285 9.69 23.44 3.94
C ILE A 285 9.05 24.51 4.82
N GLN A 286 9.53 24.60 6.05
CA GLN A 286 9.01 25.56 7.01
C GLN A 286 9.16 26.99 6.47
N GLN A 287 10.35 27.33 6.01
CA GLN A 287 10.61 28.65 5.47
C GLN A 287 9.72 28.96 4.29
N ALA A 288 9.54 27.98 3.41
CA ALA A 288 8.70 28.19 2.23
C ALA A 288 7.24 28.42 2.63
N PHE A 289 6.81 27.76 3.70
CA PHE A 289 5.44 27.86 4.20
C PHE A 289 5.12 29.26 4.72
N PHE A 290 6.02 29.79 5.54
CA PHE A 290 5.80 31.11 6.12
C PHE A 290 6.11 32.23 5.13
N GLY A 291 7.05 31.98 4.21
CA GLY A 291 7.39 32.97 3.23
C GLY A 291 6.15 33.36 2.44
N LEU A 292 5.11 32.55 2.59
CA LEU A 292 3.84 32.79 1.91
C LEU A 292 3.18 34.04 2.47
N PHE A 293 3.40 34.28 3.76
CA PHE A 293 2.79 35.42 4.41
C PHE A 293 3.66 36.67 4.32
N THR A 294 4.90 36.49 3.85
CA THR A 294 5.82 37.59 3.67
C THR A 294 5.83 37.92 2.19
N GLY A 295 5.35 36.97 1.40
CA GLY A 295 5.29 37.18 -0.03
C GLY A 295 6.55 36.69 -0.71
N GLU A 296 7.45 36.10 0.06
CA GLU A 296 8.68 35.58 -0.53
C GLU A 296 8.36 34.32 -1.31
N THR A 297 7.37 33.57 -0.84
CA THR A 297 6.94 32.36 -1.52
C THR A 297 5.76 32.81 -2.37
N GLU A 298 5.81 32.54 -3.67
CA GLU A 298 4.72 32.94 -4.54
C GLU A 298 3.48 32.10 -4.26
N ASP A 299 2.34 32.75 -4.07
CA ASP A 299 1.10 32.03 -3.81
C ASP A 299 0.55 31.54 -5.15
N LYS A 300 1.21 30.53 -5.70
CA LYS A 300 0.81 29.96 -6.97
C LYS A 300 -0.51 29.17 -6.95
N TRP A 301 -1.00 28.83 -5.77
CA TRP A 301 -2.24 28.05 -5.67
C TRP A 301 -3.44 28.86 -5.25
N GLY A 302 -3.20 30.09 -4.76
CA GLY A 302 -4.30 30.91 -4.30
C GLY A 302 -4.75 30.40 -2.94
N TRP A 303 -3.81 30.32 -2.01
CA TRP A 303 -4.11 29.84 -0.66
C TRP A 303 -4.38 30.94 0.37
N LEU A 304 -4.29 32.20 -0.05
CA LEU A 304 -4.48 33.30 0.88
C LEU A 304 -5.75 34.10 0.66
N ASP A 305 -6.76 33.83 1.48
CA ASP A 305 -8.04 34.53 1.38
C ASP A 305 -7.92 35.81 2.21
N GLN A 306 -8.21 36.96 1.59
CA GLN A 306 -8.10 38.22 2.29
C GLN A 306 -9.33 38.57 3.09
N VAL A 307 -9.11 38.88 4.35
CA VAL A 307 -10.19 39.23 5.26
C VAL A 307 -10.84 40.55 4.90
N ASN A 308 -9.99 41.54 4.59
CA ASN A 308 -10.44 42.89 4.27
C ASN A 308 -10.77 43.64 5.56
N LYS B 5 35.76 -21.79 9.16
CA LYS B 5 36.79 -21.31 10.12
C LYS B 5 37.90 -20.54 9.38
N ALA B 6 38.49 -19.57 10.07
CA ALA B 6 39.57 -18.77 9.49
C ALA B 6 40.70 -18.79 10.51
N ASP B 7 41.53 -17.77 10.52
CA ASP B 7 42.63 -17.78 11.50
C ASP B 7 42.44 -16.79 12.63
N TYR B 8 41.97 -15.59 12.30
CA TYR B 8 41.74 -14.59 13.33
C TYR B 8 40.30 -14.10 13.25
N ILE B 9 39.86 -13.45 14.32
CA ILE B 9 38.53 -12.86 14.41
C ILE B 9 38.71 -11.56 15.17
N TRP B 10 38.10 -10.49 14.66
CA TRP B 10 38.20 -9.21 15.35
C TRP B 10 37.24 -9.31 16.54
N PHE B 11 37.78 -9.19 17.75
CA PHE B 11 36.99 -9.30 18.96
C PHE B 11 37.25 -8.11 19.86
N ASN B 12 36.28 -7.21 19.92
CA ASN B 12 36.36 -6.00 20.74
C ASN B 12 37.62 -5.16 20.56
N GLY B 13 37.94 -4.81 19.32
CA GLY B 13 39.10 -3.97 19.07
C GLY B 13 40.42 -4.65 18.79
N GLU B 14 40.56 -5.91 19.18
CA GLU B 14 41.80 -6.63 18.93
C GLU B 14 41.54 -7.91 18.15
N MET B 15 42.50 -8.28 17.30
CA MET B 15 42.38 -9.48 16.49
C MET B 15 42.86 -10.67 17.29
N VAL B 16 41.96 -11.57 17.64
CA VAL B 16 42.36 -12.74 18.40
C VAL B 16 42.33 -13.95 17.48
N ARG B 17 43.04 -15.02 17.85
CA ARG B 17 43.05 -16.18 16.99
C ARG B 17 41.69 -16.85 17.13
N TRP B 18 41.24 -17.48 16.06
CA TRP B 18 39.94 -18.12 16.01
C TRP B 18 39.54 -18.93 17.26
N GLU B 19 40.42 -19.80 17.72
CA GLU B 19 40.16 -20.67 18.87
C GLU B 19 39.93 -19.95 20.20
N ASP B 20 40.32 -18.69 20.29
CA ASP B 20 40.16 -17.95 21.53
C ASP B 20 38.95 -17.02 21.55
N ALA B 21 38.17 -16.99 20.48
CA ALA B 21 37.01 -16.08 20.46
C ALA B 21 35.82 -16.74 21.15
N LYS B 22 35.81 -16.66 22.48
CA LYS B 22 34.74 -17.27 23.26
C LYS B 22 34.16 -16.28 24.25
N VAL B 23 32.90 -16.51 24.63
CA VAL B 23 32.23 -15.67 25.61
C VAL B 23 31.60 -16.60 26.63
N HIS B 24 31.15 -16.07 27.75
CA HIS B 24 30.57 -16.92 28.79
C HIS B 24 29.22 -17.50 28.36
N VAL B 25 28.89 -18.68 28.88
CA VAL B 25 27.60 -19.31 28.55
C VAL B 25 26.44 -18.50 29.11
N MET B 26 26.74 -17.62 30.07
CA MET B 26 25.69 -16.80 30.66
C MET B 26 25.62 -15.44 29.97
N SER B 27 26.15 -15.37 28.77
CA SER B 27 26.10 -14.13 27.98
C SER B 27 24.63 -13.91 27.61
N HIS B 28 24.16 -12.69 27.85
CA HIS B 28 22.77 -12.31 27.57
C HIS B 28 22.17 -12.90 26.28
N ALA B 29 22.82 -12.62 25.15
CA ALA B 29 22.36 -13.07 23.84
C ALA B 29 22.10 -14.57 23.69
N LEU B 30 22.75 -15.39 24.51
CA LEU B 30 22.53 -16.84 24.42
C LEU B 30 21.20 -17.22 25.01
N HIS B 31 20.71 -16.37 25.91
CA HIS B 31 19.45 -16.62 26.62
C HIS B 31 18.27 -15.77 26.16
N TYR B 32 18.58 -14.63 25.56
CA TYR B 32 17.53 -13.69 25.16
C TYR B 32 17.53 -13.21 23.72
N GLY B 33 18.31 -13.86 22.86
CA GLY B 33 18.36 -13.48 21.45
C GLY B 33 18.76 -12.04 21.22
N THR B 34 19.37 -11.43 22.24
CA THR B 34 19.79 -10.05 22.17
C THR B 34 21.09 -9.77 21.42
N SER B 35 21.01 -9.81 20.10
CA SER B 35 22.15 -9.52 19.25
C SER B 35 21.64 -9.01 17.92
N VAL B 36 22.51 -8.29 17.21
CA VAL B 36 22.21 -7.76 15.88
C VAL B 36 23.43 -8.11 15.05
N PHE B 37 23.20 -8.54 13.81
CA PHE B 37 24.30 -8.93 12.96
C PHE B 37 24.13 -8.46 11.53
N GLU B 38 25.15 -8.71 10.73
CA GLU B 38 25.13 -8.36 9.32
C GLU B 38 25.74 -9.47 8.51
N GLY B 39 25.58 -9.35 7.21
CA GLY B 39 26.14 -10.31 6.28
C GLY B 39 26.81 -9.45 5.24
N ILE B 40 28.08 -9.70 4.99
CA ILE B 40 28.80 -8.92 3.99
C ILE B 40 29.70 -9.83 3.17
N ARG B 41 29.80 -9.57 1.87
CA ARG B 41 30.67 -10.38 1.03
C ARG B 41 31.85 -9.57 0.51
N CYS B 42 32.99 -10.23 0.40
CA CYS B 42 34.18 -9.61 -0.14
C CYS B 42 34.37 -10.33 -1.46
N TYR B 43 34.42 -9.58 -2.55
CA TYR B 43 34.56 -10.21 -3.86
C TYR B 43 35.94 -9.94 -4.43
N ASP B 44 36.53 -10.95 -5.05
CA ASP B 44 37.81 -10.74 -5.67
C ASP B 44 37.38 -10.19 -7.02
N SER B 45 37.82 -8.97 -7.35
CA SER B 45 37.42 -8.36 -8.61
C SER B 45 38.55 -7.85 -9.47
N HIS B 46 38.18 -7.28 -10.61
CA HIS B 46 39.12 -6.71 -11.56
C HIS B 46 40.00 -5.69 -10.84
N LYS B 47 39.58 -5.32 -9.64
CA LYS B 47 40.30 -4.36 -8.81
C LYS B 47 40.77 -5.04 -7.54
N GLY B 48 40.86 -6.37 -7.58
CA GLY B 48 41.28 -7.12 -6.40
C GLY B 48 40.13 -7.26 -5.43
N PRO B 49 40.39 -7.69 -4.18
CA PRO B 49 39.33 -7.86 -3.17
C PRO B 49 38.57 -6.59 -2.80
N VAL B 50 37.25 -6.64 -2.95
CA VAL B 50 36.38 -5.51 -2.63
C VAL B 50 35.19 -5.95 -1.78
N VAL B 51 34.88 -5.16 -0.75
CA VAL B 51 33.74 -5.45 0.12
C VAL B 51 32.53 -4.76 -0.52
N PHE B 52 31.45 -5.52 -0.73
CA PHE B 52 30.26 -4.95 -1.37
C PHE B 52 29.36 -4.16 -0.43
N ARG B 53 29.14 -2.90 -0.79
CA ARG B 53 28.31 -1.97 -0.02
C ARG B 53 28.64 -2.08 1.45
N HIS B 54 29.95 -2.01 1.70
CA HIS B 54 30.52 -2.11 3.02
C HIS B 54 29.91 -1.13 4.03
N ARG B 55 29.94 0.16 3.73
CA ARG B 55 29.42 1.16 4.66
C ARG B 55 27.93 1.03 4.95
N GLU B 56 27.14 0.72 3.93
CA GLU B 56 25.70 0.53 4.09
C GLU B 56 25.41 -0.54 5.14
N HIS B 57 26.16 -1.63 5.08
CA HIS B 57 25.98 -2.72 6.04
C HIS B 57 26.34 -2.32 7.46
N MET B 58 27.44 -1.60 7.64
CA MET B 58 27.84 -1.18 8.98
C MET B 58 26.85 -0.17 9.52
N GLN B 59 26.29 0.64 8.64
CA GLN B 59 25.30 1.63 9.06
C GLN B 59 24.08 0.85 9.57
N ARG B 60 23.62 -0.12 8.78
CA ARG B 60 22.47 -0.93 9.15
C ARG B 60 22.73 -1.63 10.47
N LEU B 61 23.96 -2.09 10.66
CA LEU B 61 24.34 -2.78 11.89
C LEU B 61 24.11 -1.80 13.05
N HIS B 62 24.46 -0.54 12.81
CA HIS B 62 24.26 0.48 13.83
C HIS B 62 22.79 0.77 14.06
N ASP B 63 22.03 0.83 12.96
CA ASP B 63 20.60 1.12 13.06
C ASP B 63 19.87 0.01 13.82
N SER B 64 20.23 -1.23 13.56
CA SER B 64 19.60 -2.36 14.25
C SER B 64 19.85 -2.22 15.75
N ALA B 65 21.11 -1.97 16.11
CA ALA B 65 21.46 -1.80 17.51
C ALA B 65 20.71 -0.61 18.12
N LYS B 66 20.66 0.50 17.39
CA LYS B 66 19.96 1.69 17.88
C LYS B 66 18.49 1.39 18.17
N ILE B 67 17.89 0.54 17.35
CA ILE B 67 16.49 0.20 17.53
C ILE B 67 16.25 -0.49 18.86
N TYR B 68 17.19 -1.34 19.27
CA TYR B 68 17.09 -2.04 20.54
C TYR B 68 17.85 -1.34 21.66
N ARG B 69 18.44 -0.19 21.33
CA ARG B 69 19.20 0.61 22.28
C ARG B 69 20.44 -0.10 22.82
N PHE B 70 20.99 -1.00 22.01
CA PHE B 70 22.21 -1.70 22.39
C PHE B 70 23.34 -0.70 22.21
N PRO B 71 24.09 -0.40 23.29
CA PRO B 71 25.20 0.56 23.22
C PRO B 71 26.35 0.09 22.33
N VAL B 72 26.73 0.93 21.38
CA VAL B 72 27.82 0.60 20.47
C VAL B 72 28.95 1.62 20.64
N SER B 73 30.14 1.13 21.00
CA SER B 73 31.29 1.99 21.20
C SER B 73 32.06 2.34 19.92
N GLN B 74 32.15 1.41 18.98
CA GLN B 74 32.88 1.67 17.73
C GLN B 74 32.05 2.43 16.68
N SER B 75 32.72 3.28 15.91
CA SER B 75 32.03 4.04 14.87
C SER B 75 31.99 3.21 13.60
N ILE B 76 31.28 3.69 12.58
CA ILE B 76 31.19 2.95 11.33
C ILE B 76 32.58 2.78 10.69
N ASP B 77 33.34 3.87 10.61
CA ASP B 77 34.67 3.79 10.02
C ASP B 77 35.55 2.83 10.81
N GLU B 78 35.42 2.87 12.14
CA GLU B 78 36.19 1.97 13.00
C GLU B 78 35.84 0.53 12.61
N LEU B 79 34.54 0.26 12.54
CA LEU B 79 34.06 -1.07 12.19
C LEU B 79 34.49 -1.45 10.79
N MET B 80 34.50 -0.47 9.89
CA MET B 80 34.92 -0.73 8.52
C MET B 80 36.39 -1.11 8.45
N GLU B 81 37.23 -0.40 9.19
CA GLU B 81 38.66 -0.71 9.21
C GLU B 81 38.88 -2.11 9.79
N ALA B 82 38.09 -2.44 10.82
CA ALA B 82 38.19 -3.73 11.47
C ALA B 82 37.81 -4.82 10.48
N CYS B 83 36.71 -4.60 9.76
CA CYS B 83 36.28 -5.57 8.76
C CYS B 83 37.42 -5.78 7.77
N ARG B 84 37.85 -4.69 7.13
CA ARG B 84 38.94 -4.77 6.17
C ARG B 84 40.15 -5.47 6.77
N ASP B 85 40.51 -5.08 8.00
CA ASP B 85 41.65 -5.68 8.67
C ASP B 85 41.47 -7.19 8.84
N VAL B 86 40.23 -7.64 9.09
CA VAL B 86 39.96 -9.07 9.27
C VAL B 86 40.20 -9.86 8.00
N ILE B 87 39.84 -9.27 6.86
CA ILE B 87 40.02 -9.95 5.59
C ILE B 87 41.51 -10.10 5.26
N ARG B 88 42.27 -9.02 5.36
CA ARG B 88 43.70 -9.08 5.08
C ARG B 88 44.38 -10.17 5.90
N LYS B 89 44.43 -9.95 7.21
CA LYS B 89 45.07 -10.87 8.14
C LYS B 89 44.79 -12.34 7.87
N ASN B 90 43.57 -12.67 7.47
CA ASN B 90 43.22 -14.04 7.18
C ASN B 90 43.63 -14.40 5.77
N ASN B 91 44.10 -13.41 5.04
CA ASN B 91 44.55 -13.58 3.66
C ASN B 91 43.50 -14.20 2.76
N LEU B 92 42.36 -13.51 2.68
CA LEU B 92 41.25 -13.95 1.85
C LEU B 92 41.13 -12.94 0.73
N THR B 93 40.63 -13.35 -0.42
CA THR B 93 40.45 -12.42 -1.52
C THR B 93 38.95 -12.33 -1.81
N SER B 94 38.21 -13.32 -1.33
CA SER B 94 36.76 -13.39 -1.47
C SER B 94 36.25 -14.08 -0.21
N ALA B 95 35.18 -13.55 0.37
CA ALA B 95 34.67 -14.14 1.59
C ALA B 95 33.34 -13.57 2.06
N TYR B 96 32.81 -14.16 3.13
CA TYR B 96 31.58 -13.72 3.74
C TYR B 96 32.02 -13.21 5.11
N ILE B 97 31.59 -12.00 5.45
CA ILE B 97 31.95 -11.37 6.71
C ILE B 97 30.73 -11.30 7.62
N ARG B 98 30.86 -11.79 8.84
CA ARG B 98 29.75 -11.76 9.79
C ARG B 98 30.03 -10.91 11.01
N PRO B 99 29.64 -9.63 10.97
CA PRO B 99 29.83 -8.72 12.10
C PRO B 99 28.75 -9.12 13.09
N LEU B 100 29.00 -8.97 14.38
CA LEU B 100 28.02 -9.35 15.39
C LEU B 100 28.14 -8.50 16.64
N ILE B 101 27.05 -7.83 17.01
CA ILE B 101 27.03 -7.03 18.21
C ILE B 101 25.97 -7.68 19.12
N PHE B 102 26.39 -8.04 20.34
CA PHE B 102 25.49 -8.70 21.27
C PHE B 102 25.71 -8.29 22.72
N VAL B 103 24.69 -8.50 23.53
CA VAL B 103 24.77 -8.21 24.95
C VAL B 103 25.45 -9.47 25.50
N GLY B 104 26.56 -9.28 26.20
CA GLY B 104 27.29 -10.43 26.73
C GLY B 104 26.98 -10.76 28.17
N ASP B 105 28.01 -11.17 28.89
CA ASP B 105 27.92 -11.55 30.30
C ASP B 105 27.61 -10.35 31.19
N VAL B 106 26.32 -10.00 31.31
CA VAL B 106 25.92 -8.86 32.14
C VAL B 106 24.90 -9.17 33.24
N GLY B 107 24.64 -10.45 33.50
CA GLY B 107 23.65 -10.82 34.51
C GLY B 107 22.45 -11.50 33.84
N MET B 108 21.61 -12.20 34.61
CA MET B 108 20.49 -12.94 34.04
C MET B 108 19.11 -12.30 33.81
N GLY B 109 18.95 -11.01 34.02
CA GLY B 109 17.63 -10.44 33.75
C GLY B 109 17.55 -10.04 32.29
N VAL B 110 16.36 -10.08 31.67
CA VAL B 110 16.24 -9.71 30.26
C VAL B 110 16.59 -8.24 30.07
N ASN B 111 16.38 -7.45 31.11
CA ASN B 111 16.72 -6.03 31.06
C ASN B 111 18.15 -5.91 31.58
N PRO B 112 19.09 -5.52 30.70
CA PRO B 112 20.50 -5.38 31.10
C PRO B 112 20.69 -4.27 32.13
N PRO B 113 21.70 -4.42 33.01
CA PRO B 113 21.99 -3.42 34.04
C PRO B 113 22.47 -2.12 33.37
N ALA B 114 22.05 -0.99 33.94
CA ALA B 114 22.43 0.31 33.39
C ALA B 114 23.93 0.50 33.24
N GLY B 115 24.35 1.07 32.13
CA GLY B 115 25.77 1.33 31.90
C GLY B 115 26.54 0.18 31.30
N TYR B 116 25.84 -0.88 30.90
CA TYR B 116 26.53 -2.03 30.33
C TYR B 116 27.09 -1.67 28.96
N SER B 117 27.83 -2.61 28.38
CA SER B 117 28.43 -2.44 27.06
C SER B 117 28.23 -3.73 26.28
N THR B 118 28.21 -3.63 24.96
CA THR B 118 28.04 -4.82 24.14
C THR B 118 29.40 -5.34 23.70
N ASP B 119 29.43 -6.59 23.28
CA ASP B 119 30.64 -7.20 22.78
C ASP B 119 30.45 -7.19 21.26
N VAL B 120 31.53 -6.95 20.52
CA VAL B 120 31.46 -6.91 19.07
C VAL B 120 32.49 -7.84 18.47
N ILE B 121 32.02 -8.67 17.54
CA ILE B 121 32.83 -9.65 16.85
C ILE B 121 32.67 -9.46 15.36
N ILE B 122 33.72 -9.74 14.61
CA ILE B 122 33.70 -9.64 13.17
C ILE B 122 34.52 -10.78 12.61
N ALA B 123 33.84 -11.77 12.07
CA ALA B 123 34.49 -12.93 11.50
C ALA B 123 34.36 -12.93 9.98
N ALA B 124 35.36 -13.49 9.31
CA ALA B 124 35.36 -13.58 7.85
C ALA B 124 35.78 -14.98 7.49
N PHE B 125 35.19 -15.52 6.43
CA PHE B 125 35.50 -16.87 6.00
C PHE B 125 34.86 -17.11 4.66
N PRO B 126 35.42 -18.05 3.87
CA PRO B 126 34.85 -18.34 2.56
C PRO B 126 33.49 -19.01 2.76
N TRP B 127 32.54 -18.73 1.86
CA TRP B 127 31.19 -19.30 1.94
C TRP B 127 30.58 -19.37 0.54
N GLY B 128 30.27 -20.60 0.10
CA GLY B 128 29.69 -20.81 -1.21
C GLY B 128 28.28 -20.26 -1.37
N ALA B 129 27.71 -20.43 -2.56
CA ALA B 129 26.35 -19.96 -2.83
C ALA B 129 25.43 -20.48 -1.73
N TYR B 130 24.67 -19.58 -1.11
CA TYR B 130 23.78 -19.92 -0.02
C TYR B 130 22.74 -21.02 -0.27
N LEU B 131 22.26 -21.13 -1.51
CA LEU B 131 21.22 -22.13 -1.82
C LEU B 131 21.64 -23.27 -2.74
N GLY B 132 22.93 -23.56 -2.81
CA GLY B 132 23.39 -24.65 -3.66
C GLY B 132 24.40 -24.22 -4.71
N ALA B 133 25.26 -25.16 -5.08
CA ALA B 133 26.30 -24.94 -6.09
C ALA B 133 25.70 -24.74 -7.48
N GLU B 134 24.43 -25.12 -7.65
CA GLU B 134 23.76 -24.96 -8.94
C GLU B 134 22.77 -23.80 -8.92
N ALA B 135 22.45 -23.35 -7.70
CA ALA B 135 21.48 -22.28 -7.46
C ALA B 135 21.50 -21.08 -8.42
N LEU B 136 22.55 -20.28 -8.35
CA LEU B 136 22.68 -19.09 -9.17
C LEU B 136 22.50 -19.32 -10.67
N GLU B 137 22.84 -20.51 -11.15
CA GLU B 137 22.72 -20.80 -12.57
C GLU B 137 21.40 -21.43 -12.97
N GLN B 138 21.04 -22.54 -12.33
CA GLN B 138 19.80 -23.25 -12.66
C GLN B 138 18.56 -22.74 -11.94
N GLY B 139 18.75 -21.98 -10.86
CA GLY B 139 17.61 -21.49 -10.11
C GLY B 139 17.16 -22.56 -9.12
N ILE B 140 16.29 -22.21 -8.18
CA ILE B 140 15.86 -23.18 -7.19
C ILE B 140 14.35 -23.38 -7.12
N ASP B 141 13.95 -24.44 -6.44
CA ASP B 141 12.53 -24.73 -6.26
C ASP B 141 12.17 -24.21 -4.88
N ALA B 142 11.24 -23.25 -4.84
CA ALA B 142 10.82 -22.65 -3.57
C ALA B 142 9.46 -23.15 -3.11
N MET B 143 9.20 -23.02 -1.81
CA MET B 143 7.95 -23.44 -1.21
C MET B 143 7.38 -22.31 -0.35
N VAL B 144 6.06 -22.13 -0.38
CA VAL B 144 5.42 -21.13 0.46
C VAL B 144 5.25 -21.80 1.83
N SER B 145 5.82 -21.19 2.87
CA SER B 145 5.78 -21.72 4.23
C SER B 145 4.41 -21.64 4.90
N SER B 146 4.21 -22.50 5.91
CA SER B 146 2.98 -22.52 6.67
C SER B 146 3.19 -21.63 7.90
N TRP B 147 4.39 -21.09 8.05
CA TRP B 147 4.71 -20.19 9.16
C TRP B 147 4.77 -18.76 8.63
N ASN B 148 4.15 -17.83 9.34
CA ASN B 148 4.15 -16.44 8.91
C ASN B 148 5.28 -15.60 9.52
N ARG B 149 5.65 -14.55 8.81
CA ARG B 149 6.68 -13.63 9.27
C ARG B 149 6.11 -12.76 10.40
N ALA B 150 6.99 -12.31 11.27
CA ALA B 150 6.60 -11.48 12.41
C ALA B 150 5.78 -10.27 12.01
N ALA B 151 4.73 -10.01 12.79
CA ALA B 151 3.82 -8.90 12.55
C ALA B 151 4.41 -7.54 12.91
N PRO B 152 3.91 -6.47 12.28
CA PRO B 152 4.40 -5.12 12.56
C PRO B 152 4.24 -4.79 14.05
N ASN B 153 5.18 -4.03 14.59
CA ASN B 153 5.16 -3.60 15.98
C ASN B 153 5.20 -4.70 17.03
N THR B 154 5.76 -5.86 16.70
CA THR B 154 5.90 -6.94 17.67
C THR B 154 7.42 -6.98 17.79
N ILE B 155 8.07 -7.42 16.72
CA ILE B 155 9.52 -7.44 16.63
C ILE B 155 9.78 -6.55 15.42
N PRO B 156 10.69 -5.58 15.54
CA PRO B 156 10.96 -4.69 14.40
C PRO B 156 11.71 -5.44 13.29
N THR B 157 11.03 -5.79 12.20
CA THR B 157 11.68 -6.51 11.11
C THR B 157 12.66 -5.64 10.31
N ALA B 158 12.71 -4.34 10.59
CA ALA B 158 13.63 -3.44 9.90
C ALA B 158 15.03 -3.62 10.49
N ALA B 159 15.08 -4.30 11.62
CA ALA B 159 16.37 -4.57 12.28
C ALA B 159 16.80 -6.01 12.01
N LYS B 160 18.08 -6.20 11.70
CA LYS B 160 18.61 -7.54 11.44
C LYS B 160 19.14 -8.06 12.78
N ALA B 161 18.24 -8.65 13.57
CA ALA B 161 18.61 -9.17 14.88
C ALA B 161 18.65 -10.69 14.96
N GLY B 162 19.51 -11.21 15.83
CA GLY B 162 19.63 -12.65 15.97
C GLY B 162 18.36 -13.34 16.41
N GLY B 163 17.70 -12.77 17.42
CA GLY B 163 16.49 -13.35 17.97
C GLY B 163 15.41 -13.66 16.94
N ASN B 164 15.24 -12.77 15.97
CA ASN B 164 14.23 -12.95 14.93
C ASN B 164 14.47 -14.16 14.04
N TYR B 165 15.68 -14.69 14.05
CA TYR B 165 15.93 -15.81 13.17
C TYR B 165 15.27 -17.13 13.58
N LEU B 166 14.53 -17.13 14.68
CA LEU B 166 13.81 -18.33 15.07
C LEU B 166 12.75 -18.48 13.97
N SER B 167 12.23 -17.35 13.50
CA SER B 167 11.23 -17.34 12.44
C SER B 167 11.81 -17.84 11.11
N SER B 168 13.02 -17.39 10.78
CA SER B 168 13.65 -17.83 9.54
C SER B 168 13.95 -19.33 9.58
N LEU B 169 14.20 -19.85 10.78
CA LEU B 169 14.48 -21.27 10.95
C LEU B 169 13.22 -22.09 10.64
N LEU B 170 12.10 -21.66 11.20
CA LEU B 170 10.84 -22.36 10.98
C LEU B 170 10.46 -22.36 9.50
N VAL B 171 10.57 -21.19 8.87
CA VAL B 171 10.25 -21.02 7.45
C VAL B 171 11.18 -21.85 6.55
N GLY B 172 12.48 -21.62 6.69
CA GLY B 172 13.47 -22.31 5.88
C GLY B 172 13.59 -23.82 6.06
N SER B 173 13.57 -24.28 7.31
CA SER B 173 13.69 -25.72 7.58
C SER B 173 12.47 -26.51 7.06
N GLU B 174 11.30 -25.88 7.04
CA GLU B 174 10.10 -26.56 6.56
C GLU B 174 10.25 -26.88 5.07
N ALA B 175 10.62 -25.87 4.29
CA ALA B 175 10.81 -26.04 2.86
C ALA B 175 11.84 -27.13 2.61
N ARG B 176 12.94 -27.07 3.38
CA ARG B 176 14.03 -28.03 3.24
C ARG B 176 13.59 -29.45 3.58
N ARG B 177 12.77 -29.60 4.62
CA ARG B 177 12.28 -30.93 5.02
C ARG B 177 11.36 -31.53 3.97
N HIS B 178 10.72 -30.67 3.18
CA HIS B 178 9.81 -31.14 2.16
C HIS B 178 10.51 -31.27 0.82
N GLY B 179 11.83 -31.06 0.83
CA GLY B 179 12.60 -31.21 -0.38
C GLY B 179 12.86 -29.99 -1.24
N TYR B 180 12.55 -28.81 -0.74
CA TYR B 180 12.78 -27.59 -1.49
C TYR B 180 14.08 -26.96 -1.02
N GLN B 181 14.58 -25.96 -1.75
CA GLN B 181 15.82 -25.29 -1.36
C GLN B 181 15.58 -24.11 -0.42
N GLU B 182 14.41 -23.49 -0.52
CA GLU B 182 14.12 -22.36 0.35
C GLU B 182 12.62 -22.13 0.51
N GLY B 183 12.25 -21.47 1.60
CA GLY B 183 10.86 -21.19 1.87
C GLY B 183 10.54 -19.71 1.73
N ILE B 184 9.35 -19.45 1.21
CA ILE B 184 8.88 -18.08 1.04
C ILE B 184 7.81 -17.89 2.11
N ALA B 185 7.94 -16.80 2.85
CA ALA B 185 6.99 -16.50 3.91
C ALA B 185 6.03 -15.37 3.56
N LEU B 186 4.79 -15.50 4.02
CA LEU B 186 3.78 -14.48 3.82
C LEU B 186 3.72 -13.73 5.15
N ASP B 187 3.27 -12.48 5.13
CA ASP B 187 3.16 -11.74 6.39
C ASP B 187 1.83 -12.14 7.03
N VAL B 188 1.46 -11.49 8.13
CA VAL B 188 0.21 -11.85 8.82
C VAL B 188 -1.05 -11.44 8.08
N ASN B 189 -0.89 -10.77 6.94
CA ASN B 189 -2.04 -10.32 6.15
C ASN B 189 -2.31 -11.29 5.01
N GLY B 190 -1.36 -12.19 4.76
CA GLY B 190 -1.51 -13.15 3.68
C GLY B 190 -0.80 -12.75 2.41
N TYR B 191 -0.01 -11.68 2.48
CA TYR B 191 0.73 -11.20 1.32
C TYR B 191 2.16 -11.74 1.40
N ILE B 192 2.88 -11.67 0.28
CA ILE B 192 4.25 -12.14 0.23
C ILE B 192 5.14 -11.21 1.05
N SER B 193 5.96 -11.78 1.93
CA SER B 193 6.86 -10.96 2.70
C SER B 193 8.23 -11.11 2.05
N GLU B 194 8.84 -12.27 2.23
CA GLU B 194 10.14 -12.56 1.65
C GLU B 194 10.53 -14.00 1.94
N GLY B 195 11.71 -14.38 1.46
CA GLY B 195 12.21 -15.71 1.71
C GLY B 195 12.74 -15.75 3.13
N ALA B 196 13.10 -16.92 3.63
CA ALA B 196 13.61 -17.08 4.98
C ALA B 196 14.79 -16.14 5.27
N GLY B 197 15.65 -15.95 4.27
CA GLY B 197 16.81 -15.09 4.44
C GLY B 197 17.15 -14.40 3.15
N GLU B 198 16.12 -14.07 2.38
CA GLU B 198 16.29 -13.41 1.08
C GLU B 198 15.04 -12.58 0.80
N ASN B 199 15.19 -11.47 0.07
CA ASN B 199 14.03 -10.66 -0.30
C ASN B 199 13.46 -11.31 -1.55
N LEU B 200 12.17 -11.13 -1.81
CA LEU B 200 11.55 -11.76 -2.97
C LEU B 200 11.23 -10.77 -4.10
N PHE B 201 11.67 -11.10 -5.31
CA PHE B 201 11.41 -10.28 -6.50
C PHE B 201 10.58 -11.09 -7.52
N GLU B 202 9.72 -10.39 -8.25
CA GLU B 202 8.89 -11.00 -9.28
C GLU B 202 9.00 -10.18 -10.55
N VAL B 203 8.91 -10.82 -11.70
CA VAL B 203 8.96 -10.11 -12.98
C VAL B 203 7.73 -10.50 -13.79
N LYS B 204 7.01 -9.50 -14.29
CA LYS B 204 5.83 -9.75 -15.11
C LYS B 204 5.73 -8.66 -16.17
N ASP B 205 5.65 -9.08 -17.42
CA ASP B 205 5.57 -8.17 -18.55
C ASP B 205 6.70 -7.13 -18.50
N GLY B 206 7.92 -7.60 -18.27
CA GLY B 206 9.07 -6.71 -18.23
C GLY B 206 9.22 -5.80 -17.02
N VAL B 207 8.25 -5.78 -16.12
CA VAL B 207 8.34 -4.93 -14.93
C VAL B 207 8.81 -5.73 -13.71
N LEU B 208 9.67 -5.12 -12.90
CA LEU B 208 10.18 -5.76 -11.69
C LEU B 208 9.35 -5.36 -10.48
N PHE B 209 8.95 -6.35 -9.70
CA PHE B 209 8.13 -6.14 -8.52
C PHE B 209 8.78 -6.71 -7.26
N THR B 210 8.51 -6.07 -6.12
CA THR B 210 9.02 -6.54 -4.84
C THR B 210 8.18 -5.87 -3.75
N PRO B 211 7.90 -6.60 -2.65
CA PRO B 211 7.10 -6.04 -1.57
C PRO B 211 7.86 -4.93 -0.82
N PRO B 212 7.12 -3.99 -0.20
CA PRO B 212 7.77 -2.91 0.55
C PRO B 212 8.14 -3.46 1.93
N PHE B 213 8.99 -2.73 2.66
CA PHE B 213 9.41 -3.18 3.99
C PHE B 213 8.22 -3.45 4.88
N THR B 214 7.16 -2.68 4.70
CA THR B 214 5.95 -2.82 5.50
C THR B 214 5.24 -4.16 5.29
N SER B 215 5.84 -5.03 4.48
CA SER B 215 5.29 -6.36 4.28
C SER B 215 6.14 -7.29 5.13
N SER B 216 6.62 -6.77 6.25
CA SER B 216 7.45 -7.51 7.18
C SER B 216 8.71 -8.07 6.51
N ALA B 217 9.27 -7.32 5.58
CA ALA B 217 10.47 -7.77 4.91
C ALA B 217 11.66 -6.88 5.27
N LEU B 218 12.81 -7.50 5.48
CA LEU B 218 13.99 -6.74 5.81
C LEU B 218 14.35 -5.83 4.64
N PRO B 219 14.82 -4.60 4.94
CA PRO B 219 15.20 -3.65 3.88
C PRO B 219 16.59 -4.06 3.37
N GLY B 220 16.64 -5.18 2.66
CA GLY B 220 17.91 -5.69 2.14
C GLY B 220 18.74 -4.73 1.32
N ILE B 221 20.06 -4.87 1.46
CA ILE B 221 21.00 -4.04 0.74
C ILE B 221 21.23 -4.57 -0.68
N THR B 222 21.00 -5.87 -0.88
CA THR B 222 21.14 -6.43 -2.22
C THR B 222 19.88 -5.97 -2.98
N ARG B 223 18.75 -6.03 -2.29
CA ARG B 223 17.45 -5.61 -2.82
C ARG B 223 17.49 -4.17 -3.31
N ASP B 224 18.03 -3.29 -2.47
CA ASP B 224 18.13 -1.88 -2.82
C ASP B 224 19.06 -1.70 -4.01
N ALA B 225 20.13 -2.50 -4.05
CA ALA B 225 21.09 -2.43 -5.15
C ALA B 225 20.44 -2.84 -6.46
N ILE B 226 19.72 -3.96 -6.41
CA ILE B 226 19.03 -4.49 -7.57
C ILE B 226 18.04 -3.47 -8.11
N ILE B 227 17.29 -2.84 -7.23
CA ILE B 227 16.34 -1.83 -7.65
C ILE B 227 17.07 -0.73 -8.43
N LYS B 228 18.26 -0.36 -7.95
CA LYS B 228 19.04 0.67 -8.62
C LYS B 228 19.61 0.20 -9.95
N LEU B 229 20.18 -1.01 -9.96
CA LEU B 229 20.73 -1.54 -11.20
C LEU B 229 19.65 -1.68 -12.26
N ALA B 230 18.48 -2.13 -11.83
CA ALA B 230 17.34 -2.31 -12.73
C ALA B 230 16.97 -1.00 -13.39
N LYS B 231 16.90 0.06 -12.59
CA LYS B 231 16.53 1.36 -13.11
C LYS B 231 17.58 1.84 -14.11
N GLU B 232 18.85 1.59 -13.82
CA GLU B 232 19.92 2.00 -14.72
C GLU B 232 19.76 1.25 -16.04
N LEU B 233 19.16 0.06 -15.98
CA LEU B 233 18.95 -0.74 -17.18
C LEU B 233 17.64 -0.39 -17.87
N GLY B 234 16.94 0.61 -17.33
CA GLY B 234 15.69 1.03 -17.94
C GLY B 234 14.51 0.13 -17.59
N ILE B 235 14.71 -0.77 -16.63
CA ILE B 235 13.65 -1.67 -16.19
C ILE B 235 12.77 -0.99 -15.15
N GLU B 236 11.45 -0.89 -15.43
CA GLU B 236 10.54 -0.27 -14.47
C GLU B 236 10.49 -1.14 -13.22
N VAL B 237 10.41 -0.50 -12.05
CA VAL B 237 10.36 -1.23 -10.79
C VAL B 237 9.16 -0.78 -9.95
N ARG B 238 8.44 -1.74 -9.38
CA ARG B 238 7.29 -1.42 -8.55
C ARG B 238 7.39 -2.07 -7.19
N GLU B 239 7.55 -1.24 -6.16
CA GLU B 239 7.62 -1.73 -4.77
C GLU B 239 6.18 -1.68 -4.31
N GLN B 240 5.56 -2.84 -4.19
CA GLN B 240 4.16 -2.91 -3.79
C GLN B 240 3.85 -4.27 -3.17
N VAL B 241 2.74 -4.33 -2.46
CA VAL B 241 2.31 -5.57 -1.82
C VAL B 241 1.97 -6.55 -2.94
N LEU B 242 2.33 -7.82 -2.73
CA LEU B 242 2.08 -8.87 -3.72
C LEU B 242 1.26 -10.02 -3.13
N SER B 243 0.33 -10.53 -3.92
CA SER B 243 -0.53 -11.62 -3.52
C SER B 243 0.25 -12.92 -3.53
N ARG B 244 -0.16 -13.87 -2.70
CA ARG B 244 0.51 -15.17 -2.64
C ARG B 244 0.45 -15.83 -4.01
N GLU B 245 -0.74 -15.85 -4.62
CA GLU B 245 -0.88 -16.50 -5.92
C GLU B 245 -0.13 -15.81 -7.05
N SER B 246 0.35 -14.58 -6.81
CA SER B 246 1.11 -13.86 -7.83
C SER B 246 2.41 -14.62 -8.15
N LEU B 247 2.82 -15.50 -7.24
CA LEU B 247 4.03 -16.28 -7.45
C LEU B 247 3.86 -17.28 -8.61
N TYR B 248 2.61 -17.65 -8.88
CA TYR B 248 2.32 -18.61 -9.93
C TYR B 248 2.08 -17.94 -11.28
N LEU B 249 1.80 -16.64 -11.27
CA LEU B 249 1.52 -15.91 -12.51
C LEU B 249 2.69 -15.08 -13.03
N ALA B 250 3.68 -14.83 -12.17
CA ALA B 250 4.84 -14.05 -12.55
C ALA B 250 5.59 -14.73 -13.71
N ASP B 251 6.16 -13.92 -14.60
CA ASP B 251 6.94 -14.48 -15.71
C ASP B 251 8.25 -14.99 -15.16
N GLU B 252 8.78 -14.27 -14.17
CA GLU B 252 10.05 -14.62 -13.54
C GLU B 252 9.98 -14.33 -12.05
N VAL B 253 10.81 -15.05 -11.28
CA VAL B 253 10.89 -14.84 -9.85
C VAL B 253 12.30 -15.20 -9.37
N PHE B 254 12.82 -14.42 -8.43
CA PHE B 254 14.14 -14.68 -7.87
C PHE B 254 14.26 -14.10 -6.46
N MET B 255 15.28 -14.57 -5.74
CA MET B 255 15.53 -14.11 -4.39
C MET B 255 16.82 -13.28 -4.38
N SER B 256 16.98 -12.47 -3.35
CA SER B 256 18.17 -11.64 -3.23
C SER B 256 18.66 -11.58 -1.79
N GLY B 257 19.97 -11.43 -1.64
CA GLY B 257 20.57 -11.34 -0.32
C GLY B 257 22.08 -11.29 -0.42
N THR B 258 22.75 -10.98 0.69
CA THR B 258 24.20 -10.95 0.65
C THR B 258 24.68 -12.37 0.42
N ALA B 259 24.19 -13.30 1.24
CA ALA B 259 24.58 -14.70 1.14
C ALA B 259 24.10 -15.37 -0.15
N ALA B 260 22.83 -15.16 -0.51
CA ALA B 260 22.27 -15.77 -1.70
C ALA B 260 22.44 -14.95 -2.97
N GLU B 261 23.02 -13.75 -2.84
CA GLU B 261 23.25 -12.89 -3.98
C GLU B 261 21.98 -12.79 -4.82
N ILE B 262 21.99 -13.26 -6.07
CA ILE B 262 20.78 -13.24 -6.90
C ILE B 262 20.49 -14.65 -7.40
N THR B 263 19.57 -15.32 -6.70
CA THR B 263 19.18 -16.70 -7.02
C THR B 263 17.83 -16.78 -7.72
N PRO B 264 17.79 -17.33 -8.94
CA PRO B 264 16.53 -17.44 -9.66
C PRO B 264 15.67 -18.53 -9.01
N VAL B 265 14.35 -18.34 -9.07
CA VAL B 265 13.41 -19.32 -8.51
C VAL B 265 12.68 -19.91 -9.72
N ARG B 266 13.00 -21.15 -10.05
CA ARG B 266 12.41 -21.80 -11.21
C ARG B 266 11.03 -22.42 -10.97
N SER B 267 10.66 -22.62 -9.71
CA SER B 267 9.36 -23.18 -9.41
C SER B 267 8.90 -22.81 -8.00
N VAL B 268 7.59 -22.67 -7.81
CA VAL B 268 7.03 -22.35 -6.51
C VAL B 268 5.93 -23.38 -6.25
N ASP B 269 6.05 -24.08 -5.14
CA ASP B 269 5.08 -25.10 -4.74
C ASP B 269 4.90 -26.15 -5.84
N GLY B 270 5.96 -26.42 -6.59
CA GLY B 270 5.86 -27.42 -7.65
C GLY B 270 5.29 -26.87 -8.94
N ILE B 271 5.06 -25.57 -8.98
CA ILE B 271 4.53 -24.96 -10.20
C ILE B 271 5.68 -24.21 -10.87
N GLN B 272 6.02 -24.66 -12.08
CA GLN B 272 7.11 -24.06 -12.84
C GLN B 272 6.89 -22.58 -13.14
N VAL B 273 7.97 -21.81 -13.04
CA VAL B 273 7.91 -20.38 -13.32
C VAL B 273 8.50 -20.21 -14.72
N GLY B 274 7.78 -19.49 -15.58
CA GLY B 274 8.26 -19.27 -16.93
C GLY B 274 8.62 -20.59 -17.60
N GLU B 275 9.84 -20.66 -18.14
CA GLU B 275 10.32 -21.86 -18.80
C GLU B 275 11.13 -22.76 -17.88
N GLY B 276 10.95 -22.61 -16.57
CA GLY B 276 11.65 -23.45 -15.61
C GLY B 276 13.14 -23.18 -15.46
N ARG B 277 13.60 -22.09 -16.05
CA ARG B 277 15.00 -21.72 -15.97
C ARG B 277 15.11 -20.24 -15.65
N CYS B 278 16.33 -19.75 -15.53
CA CYS B 278 16.54 -18.33 -15.23
C CYS B 278 15.84 -17.57 -16.35
N GLY B 279 15.07 -16.55 -15.97
CA GLY B 279 14.35 -15.74 -16.94
C GLY B 279 15.22 -14.64 -17.51
N PRO B 280 14.82 -14.08 -18.67
CA PRO B 280 15.56 -13.00 -19.35
C PRO B 280 15.87 -11.77 -18.50
N VAL B 281 14.88 -11.28 -17.75
CA VAL B 281 15.13 -10.10 -16.93
C VAL B 281 16.02 -10.43 -15.73
N THR B 282 15.87 -11.62 -15.18
CA THR B 282 16.68 -12.02 -14.02
C THR B 282 18.12 -12.12 -14.52
N LYS B 283 18.25 -12.56 -15.76
CA LYS B 283 19.54 -12.73 -16.43
C LYS B 283 20.27 -11.39 -16.49
N ARG B 284 19.60 -10.37 -17.06
CA ARG B 284 20.18 -9.04 -17.20
C ARG B 284 20.62 -8.48 -15.86
N ILE B 285 19.72 -8.54 -14.87
CA ILE B 285 20.00 -8.03 -13.53
C ILE B 285 21.26 -8.71 -12.99
N GLN B 286 21.25 -10.03 -13.04
CA GLN B 286 22.35 -10.84 -12.56
C GLN B 286 23.65 -10.47 -13.25
N GLN B 287 23.64 -10.44 -14.58
CA GLN B 287 24.83 -10.08 -15.34
C GLN B 287 25.26 -8.68 -14.93
N ALA B 288 24.30 -7.79 -14.74
CA ALA B 288 24.62 -6.43 -14.32
C ALA B 288 25.29 -6.48 -12.95
N PHE B 289 24.70 -7.23 -12.03
CA PHE B 289 25.22 -7.36 -10.67
C PHE B 289 26.67 -7.86 -10.63
N PHE B 290 26.89 -9.04 -11.19
CA PHE B 290 28.23 -9.61 -11.19
C PHE B 290 29.18 -8.86 -12.12
N GLY B 291 28.63 -8.01 -12.98
CA GLY B 291 29.46 -7.23 -13.88
C GLY B 291 30.22 -6.15 -13.12
N LEU B 292 29.76 -5.87 -11.91
CA LEU B 292 30.42 -4.88 -11.07
C LEU B 292 31.84 -5.32 -10.73
N PHE B 293 32.00 -6.62 -10.50
CA PHE B 293 33.30 -7.15 -10.12
C PHE B 293 34.26 -7.49 -11.26
N THR B 294 33.91 -7.03 -12.46
CA THR B 294 34.75 -7.25 -13.64
C THR B 294 34.96 -5.88 -14.31
N GLY B 295 34.20 -4.89 -13.86
CA GLY B 295 34.31 -3.56 -14.45
C GLY B 295 33.33 -3.33 -15.58
N GLU B 296 32.68 -4.39 -16.06
CA GLU B 296 31.70 -4.25 -17.14
C GLU B 296 30.56 -3.34 -16.70
N THR B 297 30.17 -3.44 -15.43
CA THR B 297 29.12 -2.57 -14.90
C THR B 297 29.84 -1.46 -14.16
N GLU B 298 29.68 -0.22 -14.60
CA GLU B 298 30.33 0.88 -13.92
C GLU B 298 29.77 1.09 -12.53
N ASP B 299 30.65 1.06 -11.53
CA ASP B 299 30.21 1.29 -10.17
C ASP B 299 29.87 2.76 -10.08
N LYS B 300 28.64 3.09 -10.46
CA LYS B 300 28.18 4.49 -10.45
C LYS B 300 27.72 4.98 -9.08
N TRP B 301 27.81 4.15 -8.05
CA TRP B 301 27.35 4.54 -6.72
C TRP B 301 28.45 4.51 -5.68
N GLY B 302 29.48 3.71 -5.92
CA GLY B 302 30.55 3.60 -4.96
C GLY B 302 30.18 2.51 -3.98
N TRP B 303 29.95 1.31 -4.53
CA TRP B 303 29.58 0.14 -3.75
C TRP B 303 30.76 -0.75 -3.43
N LEU B 304 31.89 -0.55 -4.12
CA LEU B 304 33.06 -1.39 -3.89
C LEU B 304 34.10 -0.73 -2.97
N ASP B 305 34.25 -1.29 -1.77
CA ASP B 305 35.22 -0.77 -0.81
C ASP B 305 36.48 -1.63 -0.89
N GLN B 306 37.53 -1.09 -1.48
CA GLN B 306 38.77 -1.86 -1.62
C GLN B 306 39.35 -2.31 -0.29
N VAL B 307 39.67 -3.59 -0.20
CA VAL B 307 40.23 -4.16 1.02
C VAL B 307 41.64 -3.64 1.27
N ASN B 308 42.34 -3.34 0.17
CA ASN B 308 43.72 -2.85 0.16
C ASN B 308 44.66 -4.03 0.03
N LYS C 5 -29.96 -17.77 -25.44
CA LYS C 5 -29.60 -19.14 -25.91
C LYS C 5 -29.03 -19.05 -27.33
N ALA C 6 -28.44 -20.15 -27.80
CA ALA C 6 -27.82 -20.21 -29.12
C ALA C 6 -27.92 -21.64 -29.61
N ASP C 7 -27.50 -21.88 -30.86
CA ASP C 7 -27.60 -23.23 -31.40
C ASP C 7 -26.54 -24.24 -31.02
N TYR C 8 -25.28 -23.80 -30.92
CA TYR C 8 -24.22 -24.73 -30.57
C TYR C 8 -23.27 -24.25 -29.49
N ILE C 9 -22.69 -25.21 -28.79
CA ILE C 9 -21.74 -24.95 -27.73
C ILE C 9 -20.52 -25.83 -27.99
N TRP C 10 -19.34 -25.22 -28.04
CA TRP C 10 -18.10 -25.98 -28.24
C TRP C 10 -17.94 -26.79 -26.95
N PHE C 11 -17.76 -28.10 -27.08
CA PHE C 11 -17.65 -28.97 -25.92
C PHE C 11 -16.53 -29.99 -26.15
N ASN C 12 -15.44 -29.83 -25.40
CA ASN C 12 -14.28 -30.70 -25.55
C ASN C 12 -13.93 -30.91 -27.02
N GLY C 13 -13.90 -29.82 -27.78
CA GLY C 13 -13.54 -29.90 -29.19
C GLY C 13 -14.68 -30.03 -30.19
N GLU C 14 -15.81 -30.56 -29.77
CA GLU C 14 -16.95 -30.74 -30.67
C GLU C 14 -17.97 -29.62 -30.64
N MET C 15 -18.62 -29.38 -31.77
CA MET C 15 -19.68 -28.37 -31.83
C MET C 15 -20.94 -29.16 -31.50
N VAL C 16 -21.44 -29.01 -30.28
CA VAL C 16 -22.63 -29.73 -29.83
C VAL C 16 -23.87 -28.85 -29.81
N ARG C 17 -25.00 -29.40 -30.24
CA ARG C 17 -26.23 -28.64 -30.23
C ARG C 17 -26.44 -28.19 -28.78
N TRP C 18 -26.86 -26.95 -28.60
CA TRP C 18 -27.08 -26.42 -27.26
C TRP C 18 -27.79 -27.41 -26.34
N GLU C 19 -28.89 -28.00 -26.80
CA GLU C 19 -29.67 -28.94 -25.98
C GLU C 19 -28.95 -30.23 -25.61
N ASP C 20 -27.87 -30.56 -26.30
CA ASP C 20 -27.14 -31.78 -25.98
C ASP C 20 -25.91 -31.56 -25.10
N ALA C 21 -25.65 -30.31 -24.73
CA ALA C 21 -24.49 -29.98 -23.90
C ALA C 21 -24.83 -30.21 -22.43
N LYS C 22 -24.77 -31.46 -21.99
CA LYS C 22 -25.10 -31.77 -20.61
C LYS C 22 -23.99 -32.53 -19.88
N VAL C 23 -24.03 -32.50 -18.55
CA VAL C 23 -23.03 -33.19 -17.74
C VAL C 23 -23.75 -33.94 -16.63
N HIS C 24 -23.11 -34.96 -16.08
CA HIS C 24 -23.74 -35.72 -15.02
C HIS C 24 -23.90 -34.83 -13.80
N VAL C 25 -24.95 -35.09 -13.01
CA VAL C 25 -25.23 -34.32 -11.80
C VAL C 25 -24.15 -34.60 -10.74
N MET C 26 -23.38 -35.66 -10.95
CA MET C 26 -22.33 -36.00 -10.03
C MET C 26 -20.99 -35.39 -10.47
N SER C 27 -21.06 -34.44 -11.40
CA SER C 27 -19.86 -33.75 -11.87
C SER C 27 -19.27 -32.95 -10.71
N HIS C 28 -17.97 -33.11 -10.50
CA HIS C 28 -17.22 -32.48 -9.42
C HIS C 28 -17.57 -31.02 -9.13
N ALA C 29 -17.50 -30.16 -10.15
CA ALA C 29 -17.78 -28.74 -9.96
C ALA C 29 -19.18 -28.40 -9.43
N LEU C 30 -20.16 -29.26 -9.66
CA LEU C 30 -21.52 -28.99 -9.16
C LEU C 30 -21.55 -29.15 -7.66
N HIS C 31 -20.59 -29.91 -7.13
CA HIS C 31 -20.49 -30.16 -5.69
C HIS C 31 -19.38 -29.40 -4.99
N TYR C 32 -18.30 -29.10 -5.70
CA TYR C 32 -17.17 -28.45 -5.05
C TYR C 32 -16.69 -27.11 -5.58
N GLY C 33 -17.50 -26.47 -6.43
CA GLY C 33 -17.14 -25.18 -6.99
C GLY C 33 -15.86 -25.20 -7.80
N THR C 34 -15.43 -26.40 -8.18
CA THR C 34 -14.19 -26.61 -8.93
C THR C 34 -14.25 -26.32 -10.42
N SER C 35 -14.27 -25.03 -10.76
CA SER C 35 -14.29 -24.61 -12.15
C SER C 35 -13.70 -23.20 -12.23
N VAL C 36 -13.19 -22.85 -13.39
CA VAL C 36 -12.66 -21.51 -13.62
C VAL C 36 -13.30 -21.08 -14.93
N PHE C 37 -13.65 -19.81 -15.03
CA PHE C 37 -14.32 -19.36 -16.24
C PHE C 37 -13.91 -17.95 -16.66
N GLU C 38 -14.43 -17.52 -17.78
CA GLU C 38 -14.14 -16.20 -18.30
C GLU C 38 -15.37 -15.56 -18.90
N GLY C 39 -15.36 -14.24 -18.92
CA GLY C 39 -16.43 -13.49 -19.53
C GLY C 39 -15.73 -12.81 -20.68
N ILE C 40 -16.24 -12.97 -21.89
CA ILE C 40 -15.61 -12.32 -23.04
C ILE C 40 -16.70 -11.75 -23.94
N ARG C 41 -16.43 -10.59 -24.53
CA ARG C 41 -17.42 -10.01 -25.44
C ARG C 41 -16.92 -9.88 -26.87
N CYS C 42 -17.80 -10.23 -27.79
CA CYS C 42 -17.54 -10.10 -29.20
C CYS C 42 -18.36 -8.88 -29.59
N TYR C 43 -17.73 -7.89 -30.19
CA TYR C 43 -18.44 -6.68 -30.59
C TYR C 43 -18.58 -6.60 -32.09
N ASP C 44 -19.64 -5.93 -32.54
CA ASP C 44 -19.85 -5.76 -33.96
C ASP C 44 -19.23 -4.40 -34.26
N SER C 45 -17.97 -4.42 -34.69
CA SER C 45 -17.24 -3.20 -34.97
C SER C 45 -17.12 -2.83 -36.45
N HIS C 46 -16.32 -1.80 -36.70
CA HIS C 46 -16.05 -1.28 -38.04
C HIS C 46 -15.18 -2.29 -38.79
N LYS C 47 -14.54 -3.17 -38.04
CA LYS C 47 -13.68 -4.23 -38.58
C LYS C 47 -14.45 -5.55 -38.64
N GLY C 48 -15.73 -5.51 -38.29
CA GLY C 48 -16.53 -6.72 -38.29
C GLY C 48 -16.59 -7.28 -36.88
N PRO C 49 -17.17 -8.46 -36.67
CA PRO C 49 -17.22 -9.01 -35.32
C PRO C 49 -15.81 -9.30 -34.79
N VAL C 50 -15.48 -8.71 -33.65
CA VAL C 50 -14.15 -8.89 -33.05
C VAL C 50 -14.27 -9.24 -31.58
N VAL C 51 -13.40 -10.13 -31.11
CA VAL C 51 -13.40 -10.54 -29.71
C VAL C 51 -12.46 -9.61 -28.95
N PHE C 52 -12.97 -8.90 -27.96
CA PHE C 52 -12.16 -7.96 -27.18
C PHE C 52 -11.14 -8.58 -26.22
N ARG C 53 -9.86 -8.27 -26.44
CA ARG C 53 -8.76 -8.78 -25.62
C ARG C 53 -8.91 -10.28 -25.41
N HIS C 54 -9.12 -10.96 -26.53
CA HIS C 54 -9.32 -12.41 -26.57
C HIS C 54 -8.17 -13.19 -25.94
N ARG C 55 -6.95 -12.97 -26.42
CA ARG C 55 -5.82 -13.70 -25.88
C ARG C 55 -5.68 -13.49 -24.37
N GLU C 56 -5.85 -12.25 -23.91
CA GLU C 56 -5.74 -11.92 -22.49
C GLU C 56 -6.70 -12.75 -21.65
N HIS C 57 -7.92 -12.92 -22.12
CA HIS C 57 -8.89 -13.71 -21.37
C HIS C 57 -8.54 -15.19 -21.32
N MET C 58 -8.16 -15.76 -22.45
CA MET C 58 -7.81 -17.17 -22.49
C MET C 58 -6.56 -17.41 -21.64
N GLN C 59 -5.65 -16.45 -21.62
CA GLN C 59 -4.44 -16.58 -20.81
C GLN C 59 -4.85 -16.60 -19.33
N ARG C 60 -5.83 -15.78 -18.99
CA ARG C 60 -6.29 -15.74 -17.61
C ARG C 60 -7.00 -17.05 -17.27
N LEU C 61 -7.71 -17.62 -18.24
CA LEU C 61 -8.43 -18.89 -18.04
C LEU C 61 -7.37 -19.90 -17.61
N HIS C 62 -6.27 -19.95 -18.35
CA HIS C 62 -5.17 -20.84 -18.03
C HIS C 62 -4.55 -20.54 -16.67
N ASP C 63 -4.36 -19.26 -16.38
CA ASP C 63 -3.76 -18.87 -15.10
C ASP C 63 -4.64 -19.36 -13.94
N SER C 64 -5.94 -19.13 -14.05
CA SER C 64 -6.88 -19.53 -13.01
C SER C 64 -6.84 -21.04 -12.81
N ALA C 65 -6.83 -21.78 -13.91
CA ALA C 65 -6.77 -23.24 -13.85
C ALA C 65 -5.42 -23.66 -13.25
N LYS C 66 -4.36 -22.96 -13.63
CA LYS C 66 -3.02 -23.26 -13.12
C LYS C 66 -2.94 -23.13 -11.59
N ILE C 67 -3.51 -22.06 -11.06
CA ILE C 67 -3.48 -21.83 -9.63
C ILE C 67 -4.08 -23.02 -8.87
N TYR C 68 -5.15 -23.60 -9.42
CA TYR C 68 -5.79 -24.75 -8.79
C TYR C 68 -5.26 -26.08 -9.33
N ARG C 69 -4.30 -26.00 -10.24
CA ARG C 69 -3.69 -27.19 -10.83
C ARG C 69 -4.70 -28.04 -11.59
N PHE C 70 -5.63 -27.38 -12.26
CA PHE C 70 -6.62 -28.09 -13.06
C PHE C 70 -5.94 -28.38 -14.39
N PRO C 71 -5.86 -29.66 -14.77
CA PRO C 71 -5.22 -30.04 -16.04
C PRO C 71 -6.01 -29.52 -17.24
N VAL C 72 -5.32 -28.79 -18.12
CA VAL C 72 -5.93 -28.22 -19.32
C VAL C 72 -5.19 -28.73 -20.55
N SER C 73 -5.92 -29.39 -21.45
CA SER C 73 -5.32 -29.97 -22.65
C SER C 73 -5.33 -29.06 -23.89
N GLN C 74 -6.11 -27.99 -23.87
CA GLN C 74 -6.16 -27.06 -25.01
C GLN C 74 -5.20 -25.92 -24.75
N SER C 75 -4.47 -25.52 -25.79
CA SER C 75 -3.53 -24.42 -25.68
C SER C 75 -4.31 -23.11 -25.81
N ILE C 76 -3.65 -22.01 -25.49
CA ILE C 76 -4.32 -20.72 -25.60
C ILE C 76 -4.79 -20.51 -27.05
N ASP C 77 -3.99 -20.90 -28.03
CA ASP C 77 -4.38 -20.72 -29.42
C ASP C 77 -5.54 -21.65 -29.79
N GLU C 78 -5.54 -22.87 -29.24
CA GLU C 78 -6.63 -23.81 -29.51
C GLU C 78 -7.91 -23.23 -28.95
N LEU C 79 -7.83 -22.65 -27.75
CA LEU C 79 -9.01 -22.07 -27.10
C LEU C 79 -9.57 -20.91 -27.91
N MET C 80 -8.68 -20.03 -28.36
CA MET C 80 -9.10 -18.88 -29.16
C MET C 80 -9.77 -19.29 -30.47
N GLU C 81 -9.19 -20.28 -31.16
CA GLU C 81 -9.77 -20.73 -32.41
C GLU C 81 -11.14 -21.34 -32.16
N ALA C 82 -11.27 -22.08 -31.06
CA ALA C 82 -12.54 -22.70 -30.70
C ALA C 82 -13.58 -21.59 -30.42
N CYS C 83 -13.15 -20.55 -29.72
CA CYS C 83 -14.04 -19.43 -29.42
C CYS C 83 -14.57 -18.78 -30.71
N ARG C 84 -13.67 -18.50 -31.65
CA ARG C 84 -14.08 -17.90 -32.92
C ARG C 84 -15.00 -18.85 -33.67
N ASP C 85 -14.69 -20.15 -33.63
CA ASP C 85 -15.51 -21.17 -34.28
C ASP C 85 -16.92 -21.18 -33.71
N VAL C 86 -17.04 -21.00 -32.39
CA VAL C 86 -18.33 -20.99 -31.71
C VAL C 86 -19.17 -19.81 -32.18
N ILE C 87 -18.55 -18.64 -32.24
CA ILE C 87 -19.22 -17.43 -32.67
C ILE C 87 -19.77 -17.58 -34.10
N ARG C 88 -18.92 -18.03 -35.01
CA ARG C 88 -19.34 -18.22 -36.38
C ARG C 88 -20.39 -19.29 -36.53
N LYS C 89 -20.24 -20.40 -35.80
CA LYS C 89 -21.20 -21.49 -35.88
C LYS C 89 -22.61 -21.07 -35.50
N ASN C 90 -22.71 -20.05 -34.63
CA ASN C 90 -24.01 -19.56 -34.19
C ASN C 90 -24.37 -18.32 -34.98
N ASN C 91 -23.56 -18.02 -35.98
CA ASN C 91 -23.77 -16.86 -36.84
C ASN C 91 -24.02 -15.59 -36.04
N LEU C 92 -23.19 -15.35 -35.02
CA LEU C 92 -23.34 -14.17 -34.18
C LEU C 92 -22.33 -13.13 -34.59
N THR C 93 -22.72 -11.86 -34.51
CA THR C 93 -21.82 -10.77 -34.87
C THR C 93 -21.47 -9.96 -33.63
N SER C 94 -22.24 -10.17 -32.57
CA SER C 94 -22.03 -9.53 -31.28
C SER C 94 -22.52 -10.56 -30.27
N ALA C 95 -21.77 -10.75 -29.19
CA ALA C 95 -22.17 -11.73 -28.19
C ALA C 95 -21.28 -11.72 -26.96
N TYR C 96 -21.74 -12.43 -25.93
CA TYR C 96 -21.01 -12.61 -24.69
C TYR C 96 -20.56 -14.05 -24.80
N ILE C 97 -19.29 -14.31 -24.53
CA ILE C 97 -18.78 -15.68 -24.60
C ILE C 97 -18.38 -16.14 -23.20
N ARG C 98 -18.75 -17.36 -22.85
CA ARG C 98 -18.42 -17.89 -21.54
C ARG C 98 -17.60 -19.17 -21.61
N PRO C 99 -16.26 -19.07 -21.58
CA PRO C 99 -15.47 -20.29 -21.62
C PRO C 99 -15.55 -20.85 -20.18
N LEU C 100 -15.50 -22.17 -20.04
CA LEU C 100 -15.60 -22.76 -18.71
C LEU C 100 -14.84 -24.08 -18.62
N ILE C 101 -13.85 -24.11 -17.73
CA ILE C 101 -13.05 -25.32 -17.52
C ILE C 101 -13.52 -25.83 -16.17
N PHE C 102 -13.99 -27.07 -16.13
CA PHE C 102 -14.48 -27.63 -14.88
C PHE C 102 -14.13 -29.09 -14.67
N VAL C 103 -14.06 -29.49 -13.40
CA VAL C 103 -13.78 -30.88 -13.08
C VAL C 103 -15.14 -31.56 -13.22
N GLY C 104 -15.20 -32.59 -14.05
CA GLY C 104 -16.47 -33.26 -14.27
C GLY C 104 -16.80 -34.50 -13.44
N ASP C 105 -17.37 -35.48 -14.13
CA ASP C 105 -17.77 -36.74 -13.52
C ASP C 105 -16.54 -37.58 -13.24
N VAL C 106 -15.91 -37.37 -12.09
CA VAL C 106 -14.69 -38.11 -11.76
C VAL C 106 -14.69 -38.80 -10.38
N GLY C 107 -15.85 -38.92 -9.74
CA GLY C 107 -15.89 -39.54 -8.42
C GLY C 107 -16.16 -38.48 -7.36
N MET C 108 -16.64 -38.87 -6.19
CA MET C 108 -16.97 -37.88 -5.17
C MET C 108 -15.92 -37.27 -4.21
N GLY C 109 -14.68 -37.69 -4.23
CA GLY C 109 -13.75 -37.04 -3.30
C GLY C 109 -13.43 -35.60 -3.74
N VAL C 110 -13.21 -34.67 -2.80
CA VAL C 110 -12.87 -33.29 -3.19
C VAL C 110 -11.57 -33.28 -3.99
N ASN C 111 -10.64 -34.14 -3.62
CA ASN C 111 -9.39 -34.23 -4.36
C ASN C 111 -9.66 -35.18 -5.54
N PRO C 112 -9.55 -34.68 -6.77
CA PRO C 112 -9.79 -35.51 -7.95
C PRO C 112 -8.72 -36.60 -8.06
N PRO C 113 -9.06 -37.75 -8.68
CA PRO C 113 -8.11 -38.84 -8.83
C PRO C 113 -6.99 -38.50 -9.81
N ALA C 114 -5.79 -38.97 -9.51
CA ALA C 114 -4.62 -38.73 -10.35
C ALA C 114 -4.86 -39.11 -11.80
N GLY C 115 -4.39 -38.27 -12.72
CA GLY C 115 -4.54 -38.56 -14.13
C GLY C 115 -5.86 -38.12 -14.77
N TYR C 116 -6.67 -37.40 -14.01
CA TYR C 116 -7.96 -36.94 -14.52
C TYR C 116 -7.79 -35.78 -15.49
N SER C 117 -8.82 -35.54 -16.29
CA SER C 117 -8.80 -34.43 -17.23
C SER C 117 -9.99 -33.55 -16.93
N THR C 118 -9.92 -32.29 -17.38
CA THR C 118 -11.03 -31.38 -17.17
C THR C 118 -11.92 -31.36 -18.40
N ASP C 119 -13.15 -30.90 -18.20
CA ASP C 119 -14.09 -30.75 -19.28
C ASP C 119 -14.06 -29.26 -19.61
N VAL C 120 -14.14 -28.92 -20.89
CA VAL C 120 -14.11 -27.52 -21.30
C VAL C 120 -15.28 -27.16 -22.19
N ILE C 121 -15.90 -26.03 -21.90
CA ILE C 121 -17.05 -25.53 -22.63
C ILE C 121 -16.85 -24.08 -23.04
N ILE C 122 -17.39 -23.71 -24.19
CA ILE C 122 -17.34 -22.32 -24.66
C ILE C 122 -18.70 -22.05 -25.29
N ALA C 123 -19.54 -21.28 -24.59
CA ALA C 123 -20.86 -20.96 -25.08
C ALA C 123 -20.92 -19.48 -25.44
N ALA C 124 -21.53 -19.18 -26.59
CA ALA C 124 -21.67 -17.83 -27.07
C ALA C 124 -23.14 -17.49 -27.21
N PHE C 125 -23.54 -16.30 -26.75
CA PHE C 125 -24.92 -15.89 -26.82
C PHE C 125 -25.02 -14.38 -26.64
N PRO C 126 -26.11 -13.76 -27.14
CA PRO C 126 -26.27 -12.30 -27.00
C PRO C 126 -26.58 -11.97 -25.53
N TRP C 127 -26.01 -10.89 -25.00
CA TRP C 127 -26.27 -10.50 -23.61
C TRP C 127 -26.13 -8.98 -23.50
N GLY C 128 -27.22 -8.34 -23.07
CA GLY C 128 -27.25 -6.89 -22.96
C GLY C 128 -26.49 -6.30 -21.79
N ALA C 129 -26.77 -5.03 -21.50
CA ALA C 129 -26.12 -4.29 -20.42
C ALA C 129 -26.29 -4.99 -19.09
N TYR C 130 -25.17 -5.46 -18.53
CA TYR C 130 -25.18 -6.19 -17.27
C TYR C 130 -25.94 -5.50 -16.14
N LEU C 131 -25.78 -4.19 -16.03
CA LEU C 131 -26.42 -3.44 -14.97
C LEU C 131 -27.69 -2.67 -15.33
N GLY C 132 -28.35 -3.06 -16.42
CA GLY C 132 -29.57 -2.37 -16.81
C GLY C 132 -29.50 -1.58 -18.10
N ALA C 133 -30.68 -1.30 -18.66
CA ALA C 133 -30.80 -0.56 -19.92
C ALA C 133 -30.30 0.88 -19.86
N GLU C 134 -30.51 1.53 -18.72
CA GLU C 134 -30.08 2.93 -18.55
C GLU C 134 -28.69 3.05 -17.92
N ALA C 135 -28.23 1.97 -17.30
CA ALA C 135 -26.93 1.93 -16.61
C ALA C 135 -25.78 2.69 -17.29
N LEU C 136 -25.42 2.26 -18.49
CA LEU C 136 -24.31 2.89 -19.22
C LEU C 136 -24.47 4.40 -19.43
N GLU C 137 -25.68 4.82 -19.79
CA GLU C 137 -25.92 6.23 -20.04
C GLU C 137 -26.18 7.06 -18.80
N GLN C 138 -27.01 6.57 -17.88
CA GLN C 138 -27.35 7.35 -16.69
C GLN C 138 -26.67 7.00 -15.37
N GLY C 139 -25.98 5.87 -15.31
CA GLY C 139 -25.33 5.51 -14.07
C GLY C 139 -26.31 4.81 -13.15
N ILE C 140 -25.77 4.12 -12.16
CA ILE C 140 -26.59 3.35 -11.23
C ILE C 140 -26.40 3.82 -9.79
N ASP C 141 -27.22 3.26 -8.90
CA ASP C 141 -27.13 3.57 -7.49
C ASP C 141 -26.52 2.34 -6.83
N ALA C 142 -25.39 2.54 -6.17
CA ALA C 142 -24.68 1.47 -5.52
C ALA C 142 -24.79 1.52 -4.01
N MET C 143 -24.60 0.37 -3.39
CA MET C 143 -24.67 0.22 -1.95
C MET C 143 -23.44 -0.51 -1.44
N VAL C 144 -22.90 -0.07 -0.30
CA VAL C 144 -21.76 -0.77 0.29
C VAL C 144 -22.35 -1.96 1.02
N SER C 145 -21.84 -3.16 0.70
CA SER C 145 -22.34 -4.38 1.29
C SER C 145 -21.90 -4.66 2.72
N SER C 146 -22.69 -5.47 3.41
CA SER C 146 -22.40 -5.87 4.78
C SER C 146 -21.55 -7.13 4.73
N TRP C 147 -21.28 -7.63 3.51
CA TRP C 147 -20.46 -8.83 3.31
C TRP C 147 -19.09 -8.42 2.76
N ASN C 148 -18.02 -9.01 3.30
CA ASN C 148 -16.67 -8.68 2.86
C ASN C 148 -16.12 -9.67 1.84
N ARG C 149 -15.22 -9.17 0.98
CA ARG C 149 -14.58 -10.02 -0.02
C ARG C 149 -13.63 -11.00 0.68
N ALA C 150 -13.37 -12.12 0.03
CA ALA C 150 -12.48 -13.16 0.57
C ALA C 150 -11.12 -12.58 0.94
N ALA C 151 -10.59 -13.03 2.08
CA ALA C 151 -9.30 -12.56 2.57
C ALA C 151 -8.13 -13.17 1.79
N PRO C 152 -6.96 -12.49 1.82
CA PRO C 152 -5.79 -13.00 1.10
C PRO C 152 -5.41 -14.38 1.62
N ASN C 153 -4.91 -15.22 0.72
CA ASN C 153 -4.48 -16.56 1.04
C ASN C 153 -5.55 -17.53 1.56
N THR C 154 -6.80 -17.31 1.19
CA THR C 154 -7.89 -18.21 1.56
C THR C 154 -8.28 -18.82 0.22
N ILE C 155 -9.07 -18.08 -0.54
CA ILE C 155 -9.46 -18.50 -1.88
C ILE C 155 -8.89 -17.36 -2.74
N PRO C 156 -7.81 -17.63 -3.51
CA PRO C 156 -7.11 -16.67 -4.38
C PRO C 156 -8.05 -15.83 -5.24
N THR C 157 -8.20 -14.55 -4.89
CA THR C 157 -9.08 -13.68 -5.64
C THR C 157 -8.56 -13.33 -7.02
N ALA C 158 -7.32 -13.71 -7.31
CA ALA C 158 -6.73 -13.44 -8.61
C ALA C 158 -7.20 -14.48 -9.63
N ALA C 159 -7.71 -15.60 -9.14
CA ALA C 159 -8.22 -16.66 -10.01
C ALA C 159 -9.71 -16.44 -10.20
N LYS C 160 -10.17 -16.48 -11.44
CA LYS C 160 -11.60 -16.31 -11.72
C LYS C 160 -12.20 -17.70 -11.66
N ALA C 161 -12.59 -18.12 -10.46
CA ALA C 161 -13.16 -19.44 -10.24
C ALA C 161 -14.61 -19.44 -9.81
N GLY C 162 -15.33 -20.52 -10.18
CA GLY C 162 -16.73 -20.65 -9.85
C GLY C 162 -17.05 -20.51 -8.37
N GLY C 163 -16.36 -21.26 -7.53
CA GLY C 163 -16.59 -21.19 -6.10
C GLY C 163 -16.52 -19.78 -5.52
N ASN C 164 -15.72 -18.91 -6.15
CA ASN C 164 -15.57 -17.51 -5.71
C ASN C 164 -16.91 -16.80 -5.68
N TYR C 165 -17.73 -17.12 -6.67
CA TYR C 165 -18.99 -16.43 -6.79
C TYR C 165 -20.05 -16.53 -5.72
N LEU C 166 -19.82 -17.36 -4.71
CA LEU C 166 -20.78 -17.43 -3.60
C LEU C 166 -20.72 -16.05 -2.95
N SER C 167 -19.51 -15.49 -2.90
CA SER C 167 -19.29 -14.18 -2.33
C SER C 167 -19.98 -13.12 -3.18
N SER C 168 -19.73 -13.16 -4.48
CA SER C 168 -20.34 -12.21 -5.39
C SER C 168 -21.87 -12.27 -5.28
N LEU C 169 -22.42 -13.46 -5.09
CA LEU C 169 -23.87 -13.61 -4.94
C LEU C 169 -24.37 -12.86 -3.70
N LEU C 170 -23.72 -13.10 -2.56
CA LEU C 170 -24.10 -12.45 -1.30
C LEU C 170 -24.05 -10.93 -1.42
N VAL C 171 -22.93 -10.42 -1.94
CA VAL C 171 -22.75 -8.98 -2.11
C VAL C 171 -23.80 -8.37 -3.05
N GLY C 172 -23.94 -8.94 -4.25
CA GLY C 172 -24.90 -8.41 -5.22
C GLY C 172 -26.37 -8.54 -4.87
N SER C 173 -26.79 -9.71 -4.39
CA SER C 173 -28.18 -9.93 -4.05
C SER C 173 -28.63 -8.98 -2.92
N GLU C 174 -27.74 -8.70 -1.97
CA GLU C 174 -28.08 -7.80 -0.87
C GLU C 174 -28.45 -6.41 -1.39
N ALA C 175 -27.58 -5.85 -2.23
CA ALA C 175 -27.81 -4.53 -2.81
C ALA C 175 -29.15 -4.54 -3.54
N ARG C 176 -29.35 -5.56 -4.36
CA ARG C 176 -30.58 -5.65 -5.12
C ARG C 176 -31.81 -5.78 -4.23
N ARG C 177 -31.69 -6.51 -3.11
CA ARG C 177 -32.81 -6.66 -2.18
C ARG C 177 -33.16 -5.32 -1.54
N HIS C 178 -32.17 -4.44 -1.40
CA HIS C 178 -32.40 -3.14 -0.79
C HIS C 178 -32.72 -2.06 -1.81
N GLY C 179 -32.96 -2.47 -3.05
CA GLY C 179 -33.31 -1.51 -4.09
C GLY C 179 -32.20 -0.81 -4.84
N TYR C 180 -30.96 -1.29 -4.76
CA TYR C 180 -29.85 -0.67 -5.48
C TYR C 180 -29.52 -1.55 -6.70
N GLN C 181 -28.74 -1.03 -7.65
CA GLN C 181 -28.39 -1.81 -8.84
C GLN C 181 -27.18 -2.73 -8.63
N GLU C 182 -26.28 -2.36 -7.73
CA GLU C 182 -25.11 -3.20 -7.46
C GLU C 182 -24.51 -2.93 -6.08
N GLY C 183 -23.80 -3.92 -5.57
CA GLY C 183 -23.17 -3.80 -4.27
C GLY C 183 -21.67 -3.62 -4.39
N ILE C 184 -21.11 -2.82 -3.49
CA ILE C 184 -19.68 -2.59 -3.46
C ILE C 184 -19.19 -3.27 -2.19
N ALA C 185 -18.25 -4.18 -2.34
CA ALA C 185 -17.73 -4.91 -1.21
C ALA C 185 -16.39 -4.35 -0.71
N LEU C 186 -16.21 -4.42 0.61
CA LEU C 186 -14.97 -3.98 1.23
C LEU C 186 -14.16 -5.25 1.53
N ASP C 187 -12.84 -5.14 1.58
CA ASP C 187 -12.04 -6.31 1.90
C ASP C 187 -12.09 -6.52 3.41
N VAL C 188 -11.34 -7.50 3.92
CA VAL C 188 -11.34 -7.76 5.35
C VAL C 188 -10.65 -6.69 6.18
N ASN C 189 -10.00 -5.72 5.52
CA ASN C 189 -9.32 -4.64 6.24
C ASN C 189 -10.22 -3.42 6.36
N GLY C 190 -11.38 -3.48 5.71
CA GLY C 190 -12.31 -2.37 5.74
C GLY C 190 -12.07 -1.34 4.64
N TYR C 191 -11.29 -1.70 3.63
CA TYR C 191 -11.03 -0.81 2.50
C TYR C 191 -11.85 -1.27 1.29
N ILE C 192 -12.05 -0.39 0.32
CA ILE C 192 -12.80 -0.75 -0.87
C ILE C 192 -12.08 -1.86 -1.65
N SER C 193 -12.83 -2.87 -2.03
CA SER C 193 -12.28 -3.99 -2.80
C SER C 193 -12.77 -3.80 -4.24
N GLU C 194 -14.07 -3.99 -4.45
CA GLU C 194 -14.68 -3.83 -5.77
C GLU C 194 -16.16 -4.13 -5.69
N GLY C 195 -16.83 -4.10 -6.84
CA GLY C 195 -18.24 -4.40 -6.90
C GLY C 195 -18.38 -5.91 -6.85
N ALA C 196 -19.60 -6.41 -6.67
CA ALA C 196 -19.81 -7.86 -6.60
C ALA C 196 -19.21 -8.60 -7.80
N GLY C 197 -19.28 -8.00 -8.97
CA GLY C 197 -18.75 -8.61 -10.17
C GLY C 197 -18.14 -7.60 -11.13
N GLU C 198 -17.53 -6.56 -10.58
CA GLU C 198 -16.89 -5.55 -11.40
C GLU C 198 -15.90 -4.72 -10.60
N ASN C 199 -14.85 -4.24 -11.27
CA ASN C 199 -13.86 -3.43 -10.57
C ASN C 199 -14.43 -2.05 -10.33
N LEU C 200 -13.90 -1.36 -9.33
CA LEU C 200 -14.37 -0.03 -8.94
C LEU C 200 -13.33 1.06 -9.15
N PHE C 201 -13.74 2.13 -9.81
CA PHE C 201 -12.84 3.27 -10.05
C PHE C 201 -13.42 4.50 -9.38
N GLU C 202 -12.54 5.43 -9.02
CA GLU C 202 -12.95 6.70 -8.42
C GLU C 202 -12.22 7.79 -9.16
N VAL C 203 -12.85 8.96 -9.27
CA VAL C 203 -12.23 10.10 -9.93
C VAL C 203 -12.24 11.25 -8.93
N LYS C 204 -11.07 11.78 -8.62
CA LYS C 204 -10.97 12.89 -7.68
C LYS C 204 -9.94 13.90 -8.18
N ASP C 205 -10.38 15.14 -8.34
CA ASP C 205 -9.53 16.21 -8.84
C ASP C 205 -8.85 15.84 -10.16
N GLY C 206 -9.63 15.30 -11.09
CA GLY C 206 -9.10 14.92 -12.39
C GLY C 206 -8.17 13.73 -12.41
N VAL C 207 -7.98 13.08 -11.27
CA VAL C 207 -7.12 11.92 -11.18
C VAL C 207 -7.97 10.66 -11.01
N LEU C 208 -7.58 9.61 -11.73
CA LEU C 208 -8.29 8.33 -11.68
C LEU C 208 -7.71 7.39 -10.61
N PHE C 209 -8.58 6.80 -9.79
CA PHE C 209 -8.17 5.89 -8.71
C PHE C 209 -8.85 4.53 -8.77
N THR C 210 -8.12 3.50 -8.36
CA THR C 210 -8.67 2.15 -8.30
C THR C 210 -7.81 1.31 -7.36
N PRO C 211 -8.45 0.39 -6.61
CA PRO C 211 -7.68 -0.46 -5.68
C PRO C 211 -6.80 -1.46 -6.38
N PRO C 212 -5.66 -1.82 -5.76
CA PRO C 212 -4.72 -2.79 -6.31
C PRO C 212 -5.36 -4.17 -6.07
N PHE C 213 -4.80 -5.20 -6.71
CA PHE C 213 -5.32 -6.57 -6.56
C PHE C 213 -5.27 -7.04 -5.10
N THR C 214 -4.26 -6.58 -4.37
CA THR C 214 -4.11 -6.96 -2.98
C THR C 214 -5.25 -6.49 -2.09
N SER C 215 -6.21 -5.78 -2.67
CA SER C 215 -7.37 -5.36 -1.89
C SER C 215 -8.46 -6.38 -2.19
N SER C 216 -8.03 -7.59 -2.51
CA SER C 216 -8.93 -8.70 -2.82
C SER C 216 -9.80 -8.45 -4.05
N ALA C 217 -9.29 -7.63 -4.96
CA ALA C 217 -10.01 -7.33 -6.19
C ALA C 217 -9.42 -8.12 -7.35
N LEU C 218 -10.30 -8.67 -8.20
CA LEU C 218 -9.84 -9.44 -9.33
C LEU C 218 -9.20 -8.50 -10.35
N PRO C 219 -8.05 -8.91 -10.93
CA PRO C 219 -7.35 -8.09 -11.92
C PRO C 219 -8.16 -7.99 -13.21
N GLY C 220 -9.18 -7.15 -13.21
CA GLY C 220 -10.02 -7.02 -14.38
C GLY C 220 -9.30 -6.71 -15.67
N ILE C 221 -9.75 -7.34 -16.75
CA ILE C 221 -9.14 -7.09 -18.05
C ILE C 221 -9.73 -5.77 -18.56
N THR C 222 -10.96 -5.47 -18.17
CA THR C 222 -11.59 -4.22 -18.58
C THR C 222 -10.88 -3.12 -17.78
N ARG C 223 -10.64 -3.41 -16.49
CA ARG C 223 -9.94 -2.51 -15.59
C ARG C 223 -8.57 -2.15 -16.17
N ASP C 224 -7.85 -3.16 -16.60
CA ASP C 224 -6.53 -2.96 -17.19
C ASP C 224 -6.61 -2.10 -18.45
N ALA C 225 -7.62 -2.34 -19.29
CA ALA C 225 -7.81 -1.57 -20.52
C ALA C 225 -8.09 -0.10 -20.21
N ILE C 226 -8.91 0.13 -19.18
CA ILE C 226 -9.26 1.49 -18.78
C ILE C 226 -8.02 2.26 -18.39
N ILE C 227 -7.19 1.63 -17.55
CA ILE C 227 -5.97 2.24 -17.08
C ILE C 227 -5.10 2.65 -18.26
N LYS C 228 -5.02 1.78 -19.28
CA LYS C 228 -4.22 2.08 -20.46
C LYS C 228 -4.85 3.20 -21.29
N LEU C 229 -6.17 3.15 -21.46
CA LEU C 229 -6.87 4.18 -22.22
C LEU C 229 -6.69 5.53 -21.51
N ALA C 230 -6.82 5.51 -20.19
CA ALA C 230 -6.69 6.72 -19.38
C ALA C 230 -5.35 7.42 -19.62
N LYS C 231 -4.28 6.65 -19.60
CA LYS C 231 -2.96 7.22 -19.81
C LYS C 231 -2.79 7.77 -21.23
N GLU C 232 -3.50 7.22 -22.19
CA GLU C 232 -3.39 7.75 -23.55
C GLU C 232 -4.18 9.04 -23.62
N LEU C 233 -5.18 9.17 -22.75
CA LEU C 233 -6.00 10.36 -22.69
C LEU C 233 -5.37 11.45 -21.83
N GLY C 234 -4.18 11.16 -21.31
CA GLY C 234 -3.48 12.13 -20.47
C GLY C 234 -4.03 12.22 -19.06
N ILE C 235 -4.74 11.19 -18.64
CA ILE C 235 -5.32 11.16 -17.29
C ILE C 235 -4.39 10.40 -16.34
N GLU C 236 -4.01 11.05 -15.25
CA GLU C 236 -3.15 10.43 -14.26
C GLU C 236 -3.92 9.30 -13.56
N VAL C 237 -3.24 8.17 -13.37
CA VAL C 237 -3.86 7.02 -12.73
C VAL C 237 -3.12 6.60 -11.48
N ARG C 238 -3.86 6.26 -10.43
CA ARG C 238 -3.25 5.83 -9.19
C ARG C 238 -3.89 4.59 -8.63
N GLU C 239 -3.14 3.49 -8.62
CA GLU C 239 -3.63 2.24 -8.07
C GLU C 239 -3.20 2.25 -6.61
N GLN C 240 -4.17 2.49 -5.72
CA GLN C 240 -3.89 2.56 -4.30
C GLN C 240 -5.12 2.17 -3.49
N VAL C 241 -4.89 1.81 -2.23
CA VAL C 241 -5.98 1.42 -1.35
C VAL C 241 -6.89 2.63 -1.18
N LEU C 242 -8.19 2.37 -1.11
CA LEU C 242 -9.17 3.44 -0.94
C LEU C 242 -10.08 3.19 0.27
N SER C 243 -10.30 4.24 1.05
CA SER C 243 -11.15 4.16 2.23
C SER C 243 -12.61 4.05 1.79
N ARG C 244 -13.45 3.51 2.66
CA ARG C 244 -14.87 3.35 2.37
C ARG C 244 -15.51 4.72 2.15
N GLU C 245 -15.19 5.68 3.00
CA GLU C 245 -15.78 7.01 2.86
C GLU C 245 -15.31 7.79 1.62
N SER C 246 -14.21 7.38 1.00
CA SER C 246 -13.73 8.06 -0.20
C SER C 246 -14.82 8.04 -1.28
N LEU C 247 -15.72 7.06 -1.20
CA LEU C 247 -16.80 6.94 -2.17
C LEU C 247 -17.75 8.14 -2.09
N TYR C 248 -17.84 8.75 -0.90
CA TYR C 248 -18.72 9.89 -0.70
C TYR C 248 -18.06 11.21 -1.02
N LEU C 249 -16.73 11.20 -1.12
CA LEU C 249 -15.97 12.41 -1.42
C LEU C 249 -15.46 12.49 -2.86
N ALA C 250 -15.56 11.38 -3.58
CA ALA C 250 -15.08 11.35 -4.96
C ALA C 250 -15.94 12.21 -5.88
N ASP C 251 -15.31 12.76 -6.92
CA ASP C 251 -16.04 13.58 -7.89
C ASP C 251 -16.89 12.65 -8.78
N GLU C 252 -16.35 11.48 -9.07
CA GLU C 252 -17.03 10.49 -9.89
C GLU C 252 -16.66 9.08 -9.44
N VAL C 253 -17.52 8.12 -9.75
CA VAL C 253 -17.26 6.73 -9.44
C VAL C 253 -17.93 5.87 -10.50
N PHE C 254 -17.23 4.82 -10.94
CA PHE C 254 -17.80 3.93 -11.93
C PHE C 254 -17.26 2.50 -11.79
N MET C 255 -17.98 1.55 -12.37
CA MET C 255 -17.58 0.15 -12.31
C MET C 255 -17.18 -0.34 -13.69
N SER C 256 -16.30 -1.33 -13.72
CA SER C 256 -15.84 -1.89 -14.98
C SER C 256 -15.92 -3.41 -14.98
N GLY C 257 -16.12 -3.98 -16.15
CA GLY C 257 -16.22 -5.43 -16.28
C GLY C 257 -16.59 -5.77 -17.71
N THR C 258 -16.32 -7.00 -18.13
CA THR C 258 -16.65 -7.42 -19.49
C THR C 258 -18.15 -7.30 -19.72
N ALA C 259 -18.93 -7.82 -18.79
CA ALA C 259 -20.39 -7.75 -18.90
C ALA C 259 -20.91 -6.34 -18.65
N ALA C 260 -20.39 -5.72 -17.60
CA ALA C 260 -20.79 -4.38 -17.20
C ALA C 260 -20.15 -3.24 -17.99
N GLU C 261 -19.14 -3.56 -18.80
CA GLU C 261 -18.43 -2.57 -19.58
C GLU C 261 -18.00 -1.41 -18.69
N ILE C 262 -18.53 -0.21 -18.92
CA ILE C 262 -18.19 0.92 -18.07
C ILE C 262 -19.49 1.57 -17.61
N THR C 263 -19.87 1.27 -16.37
CA THR C 263 -21.10 1.78 -15.80
C THR C 263 -20.89 2.84 -14.74
N PRO C 264 -21.38 4.06 -15.00
CA PRO C 264 -21.27 5.20 -14.08
C PRO C 264 -22.04 4.93 -12.78
N VAL C 265 -21.48 5.35 -11.65
CA VAL C 265 -22.16 5.18 -10.36
C VAL C 265 -22.54 6.58 -9.89
N ARG C 266 -23.83 6.89 -9.96
CA ARG C 266 -24.34 8.21 -9.58
C ARG C 266 -24.59 8.41 -8.10
N SER C 267 -24.67 7.33 -7.34
CA SER C 267 -24.89 7.44 -5.88
C SER C 267 -24.44 6.20 -5.14
N VAL C 268 -23.98 6.41 -3.90
CA VAL C 268 -23.51 5.32 -3.04
C VAL C 268 -24.15 5.48 -1.67
N ASP C 269 -24.86 4.44 -1.26
CA ASP C 269 -25.55 4.42 0.02
C ASP C 269 -26.50 5.62 0.13
N GLY C 270 -27.12 5.98 -0.99
CA GLY C 270 -28.06 7.09 -0.99
C GLY C 270 -27.45 8.47 -1.10
N ILE C 271 -26.13 8.56 -1.00
CA ILE C 271 -25.45 9.84 -1.12
C ILE C 271 -25.13 10.08 -2.60
N GLN C 272 -25.36 11.29 -3.07
CA GLN C 272 -25.14 11.63 -4.47
C GLN C 272 -23.68 11.83 -4.86
N VAL C 273 -23.30 11.24 -5.99
CA VAL C 273 -21.93 11.37 -6.48
C VAL C 273 -21.95 12.52 -7.47
N GLY C 274 -21.10 13.53 -7.23
CA GLY C 274 -21.06 14.68 -8.12
C GLY C 274 -22.46 15.20 -8.44
N GLU C 275 -22.72 15.38 -9.73
CA GLU C 275 -24.01 15.87 -10.20
C GLU C 275 -25.09 14.79 -10.20
N GLY C 276 -24.74 13.56 -9.84
CA GLY C 276 -25.74 12.50 -9.84
C GLY C 276 -25.95 11.93 -11.22
N ARG C 277 -25.00 12.21 -12.10
CA ARG C 277 -25.04 11.71 -13.46
C ARG C 277 -23.64 11.29 -13.83
N CYS C 278 -23.50 10.76 -15.05
CA CYS C 278 -22.21 10.33 -15.54
C CYS C 278 -21.23 11.49 -15.43
N GLY C 279 -20.06 11.23 -14.89
CA GLY C 279 -19.06 12.28 -14.74
C GLY C 279 -18.28 12.53 -16.00
N PRO C 280 -17.59 13.69 -16.11
CA PRO C 280 -16.80 14.04 -17.28
C PRO C 280 -15.63 13.10 -17.57
N VAL C 281 -14.88 12.72 -16.54
CA VAL C 281 -13.78 11.80 -16.78
C VAL C 281 -14.34 10.44 -17.22
N THR C 282 -15.37 9.98 -16.52
CA THR C 282 -16.01 8.70 -16.85
C THR C 282 -16.40 8.74 -18.33
N LYS C 283 -17.03 9.84 -18.71
CA LYS C 283 -17.50 10.09 -20.08
C LYS C 283 -16.40 9.85 -21.10
N ARG C 284 -15.25 10.47 -20.85
CA ARG C 284 -14.10 10.33 -21.75
C ARG C 284 -13.61 8.90 -21.90
N ILE C 285 -13.48 8.20 -20.79
CA ILE C 285 -13.00 6.82 -20.81
C ILE C 285 -14.01 5.98 -21.58
N GLN C 286 -15.29 6.22 -21.28
CA GLN C 286 -16.37 5.49 -21.93
C GLN C 286 -16.32 5.68 -23.44
N GLN C 287 -16.30 6.93 -23.89
CA GLN C 287 -16.25 7.22 -25.32
C GLN C 287 -15.00 6.55 -25.89
N ALA C 288 -13.86 6.76 -25.23
CA ALA C 288 -12.61 6.17 -25.67
C ALA C 288 -12.75 4.66 -25.82
N PHE C 289 -13.40 4.03 -24.84
CA PHE C 289 -13.61 2.59 -24.85
C PHE C 289 -14.49 2.12 -26.00
N PHE C 290 -15.70 2.67 -26.11
CA PHE C 290 -16.59 2.25 -27.19
C PHE C 290 -16.10 2.71 -28.57
N GLY C 291 -15.27 3.76 -28.57
CA GLY C 291 -14.73 4.27 -29.81
C GLY C 291 -13.79 3.26 -30.45
N LEU C 292 -13.48 2.20 -29.71
CA LEU C 292 -12.59 1.15 -30.18
C LEU C 292 -13.28 0.29 -31.23
N PHE C 293 -14.60 0.24 -31.17
CA PHE C 293 -15.33 -0.59 -32.10
C PHE C 293 -15.98 0.20 -33.24
N THR C 294 -15.59 1.47 -33.37
CA THR C 294 -16.10 2.32 -34.43
C THR C 294 -14.90 2.84 -35.21
N GLY C 295 -13.72 2.74 -34.58
CA GLY C 295 -12.52 3.23 -35.22
C GLY C 295 -12.07 4.58 -34.68
N GLU C 296 -12.95 5.29 -34.00
CA GLU C 296 -12.58 6.61 -33.46
C GLU C 296 -11.35 6.52 -32.55
N THR C 297 -11.21 5.39 -31.87
CA THR C 297 -10.08 5.14 -30.97
C THR C 297 -9.20 4.10 -31.65
N GLU C 298 -7.93 4.41 -31.82
CA GLU C 298 -7.01 3.48 -32.47
C GLU C 298 -6.62 2.32 -31.57
N ASP C 299 -6.69 1.11 -32.12
CA ASP C 299 -6.34 -0.08 -31.37
C ASP C 299 -4.81 -0.19 -31.34
N LYS C 300 -4.18 0.64 -30.51
CA LYS C 300 -2.73 0.64 -30.39
C LYS C 300 -2.17 -0.59 -29.68
N TRP C 301 -3.04 -1.31 -28.97
CA TRP C 301 -2.58 -2.48 -28.21
C TRP C 301 -2.87 -3.81 -28.88
N GLY C 302 -3.68 -3.79 -29.92
CA GLY C 302 -4.02 -5.04 -30.58
C GLY C 302 -5.01 -5.75 -29.66
N TRP C 303 -6.11 -5.07 -29.37
CA TRP C 303 -7.16 -5.60 -28.50
C TRP C 303 -8.32 -6.18 -29.28
N LEU C 304 -8.39 -5.91 -30.58
CA LEU C 304 -9.48 -6.45 -31.36
C LEU C 304 -9.06 -7.69 -32.14
N ASP C 305 -9.54 -8.86 -31.72
CA ASP C 305 -9.22 -10.10 -32.41
C ASP C 305 -10.33 -10.41 -33.41
N GLN C 306 -9.98 -10.45 -34.68
CA GLN C 306 -10.97 -10.74 -35.72
C GLN C 306 -11.55 -12.14 -35.59
N VAL C 307 -12.87 -12.21 -35.54
CA VAL C 307 -13.54 -13.51 -35.47
C VAL C 307 -13.48 -14.08 -36.88
N ASN C 308 -13.78 -13.21 -37.84
CA ASN C 308 -13.86 -13.53 -39.27
C ASN C 308 -15.35 -13.86 -39.53
N1 PLP D . -4.90 14.97 12.49
C2 PLP D . -6.12 14.99 13.07
C2A PLP D . -6.61 13.74 13.79
C3 PLP D . -6.90 16.14 13.00
O3 PLP D . -8.16 16.14 13.60
C4 PLP D . -6.43 17.28 12.35
C4A PLP D . -7.36 18.53 12.29
C5 PLP D . -5.15 17.22 11.75
C6 PLP D . -4.42 16.08 11.84
C5A PLP D . -4.50 18.41 10.99
O4P PLP D . -5.13 18.69 9.75
P PLP D . -5.08 20.17 9.10
O1P PLP D . -5.53 21.11 10.17
O2P PLP D . -6.18 20.18 7.97
O3P PLP D . -3.75 20.30 8.47
C1 GUA E . -6.43 22.15 14.40
C2 GUA E . -7.36 21.29 15.24
C3 GUA E . -6.62 20.32 16.17
C4 GUA E . -6.20 20.98 17.48
C5 GUA E . -7.24 20.80 18.60
O1 GUA E . -6.92 23.13 13.81
O2 GUA E . -5.21 21.86 14.32
O3 GUA E . -8.35 21.37 18.50
O4 GUA E . -6.94 20.09 19.59
N1 PLP F . 15.92 -11.18 4.44
C2 PLP F . 16.24 -11.40 5.73
C2A PLP F . 15.15 -11.87 6.72
C3 PLP F . 17.55 -11.18 6.16
O3 PLP F . 17.87 -11.39 7.50
C4 PLP F . 18.54 -10.75 5.25
C4A PLP F . 20.00 -10.52 5.78
C5 PLP F . 18.15 -10.54 3.91
C6 PLP F . 16.86 -10.76 3.55
C5A PLP F . 19.09 -10.08 2.79
O4P PLP F . 19.46 -8.72 2.96
P PLP F . 20.82 -8.20 2.31
O1P PLP F . 21.88 -9.14 2.70
O2P PLP F . 21.04 -6.79 2.99
O3P PLP F . 20.55 -7.98 0.86
C1 GUA G . 22.81 -12.98 4.57
C2 GUA G . 21.86 -13.78 5.48
C3 GUA G . 22.48 -15.05 6.04
C4 GUA G . 21.44 -15.86 6.82
C5 GUA G . 22.02 -17.10 7.47
O1 GUA G . 23.85 -12.52 5.07
O2 GUA G . 22.50 -12.84 3.37
O3 GUA G . 23.11 -16.98 8.07
O4 GUA G . 21.40 -18.18 7.40
N1 PLP H . -14.66 -8.64 -10.40
C2 PLP H . -14.87 -9.96 -10.24
C2A PLP H . -15.05 -10.49 -8.80
C3 PLP H . -14.92 -10.81 -11.34
O3 PLP H . -15.11 -12.14 -11.16
C4 PLP H . -14.77 -10.30 -12.65
C4A PLP H . -14.83 -11.27 -13.88
C5 PLP H . -14.56 -8.92 -12.78
C6 PLP H . -14.50 -8.13 -11.66
C5A PLP H . -14.38 -8.18 -14.11
O4P PLP H . -13.18 -8.45 -14.78
P PLP H . -13.14 -8.26 -16.40
O1P PLP H . -14.34 -8.94 -16.96
O2P PLP H . -11.81 -9.01 -16.78
O3P PLP H . -12.94 -6.83 -16.69
C1 GUA I . -18.18 -10.58 -16.62
C2 GUA I . -18.63 -10.96 -15.24
C3 GUA I . -19.67 -12.04 -15.24
C4 GUA I . -20.62 -11.83 -14.08
C5 GUA I . -21.73 -12.86 -14.06
O1 GUA I . -17.82 -9.40 -16.82
O2 GUA I . -18.19 -11.45 -17.52
O3 GUA I . -22.67 -12.68 -13.24
O4 GUA I . -21.66 -13.84 -14.84
#